data_7X4I
#
_entry.id   7X4I
#
_cell.length_a   101.702
_cell.length_b   112.006
_cell.length_c   151.037
_cell.angle_alpha   90.000
_cell.angle_beta   90.000
_cell.angle_gamma   90.000
#
_symmetry.space_group_name_H-M   'P 21 21 21'
#
loop_
_entity.id
_entity.type
_entity.pdbx_description
1 polymer 'Spike glycoprotein'
2 polymer 'nanobody aSA3'
#
loop_
_entity_poly.entity_id
_entity_poly.type
_entity_poly.pdbx_seq_one_letter_code
_entity_poly.pdbx_strand_id
1 'polypeptide(L)'
;TNLCPFGEVFNATKFPSVYAWERKKISNCVADYSVLYNSTFFSTFKCYGVSATKLNDLCFSNVYADSFVVKGDDVRQIAP
GQTGVIADYNYKLPDDFMGCVLAWNTRNIDATSTGNHNYKYRYLRHGKLRPFERDISNVPFSPDGKPCTPPALNCYWPLN
DYGFYTTTGIGYQPYRVVVLSFELLNAPATVCGPKLSTDLIKNQ
;
A,B,C,D
2 'polypeptide(L)'
;QVQLVESGGGLVQPGGSLRLSCAASGFTSDHYALAWFRQAPGKEREGVSCIDSDGNPFYADSVKGRFTGSRDNAKNTVYL
QMNSLKLEDTAVYYCAAGLWYGRSLNSFDYDYWGQGTQVTVSS
;
E,F,G,H
#
# COMPACT_ATOMS: atom_id res chain seq x y z
N THR A 1 -39.39 9.36 -27.43
CA THR A 1 -38.96 8.01 -27.83
C THR A 1 -37.78 8.07 -28.79
N ASN A 2 -37.03 9.17 -28.77
CA ASN A 2 -35.86 9.30 -29.64
C ASN A 2 -34.76 8.35 -29.19
N LEU A 3 -33.97 7.88 -30.15
CA LEU A 3 -32.91 6.93 -29.85
C LEU A 3 -31.57 7.64 -29.70
N CYS A 4 -30.70 7.06 -28.89
CA CYS A 4 -29.41 7.70 -28.65
C CYS A 4 -28.44 7.40 -29.79
N PRO A 5 -27.67 8.38 -30.21
CA PRO A 5 -26.75 8.19 -31.36
C PRO A 5 -25.50 7.40 -30.98
N PHE A 6 -25.68 6.09 -30.81
CA PHE A 6 -24.57 5.22 -30.40
C PHE A 6 -23.66 4.85 -31.56
N GLY A 7 -24.25 4.36 -32.67
CA GLY A 7 -23.45 3.86 -33.78
C GLY A 7 -22.53 4.89 -34.41
N GLU A 8 -22.90 6.18 -34.30
CA GLU A 8 -22.04 7.25 -34.82
C GLU A 8 -20.67 7.29 -34.13
N VAL A 9 -20.53 6.70 -32.95
CA VAL A 9 -19.25 6.75 -32.24
C VAL A 9 -18.48 5.45 -32.42
N PHE A 10 -19.20 4.34 -32.56
CA PHE A 10 -18.55 3.03 -32.64
C PHE A 10 -18.12 2.69 -34.05
N ASN A 11 -18.99 2.90 -35.02
CA ASN A 11 -18.63 2.71 -36.42
C ASN A 11 -17.88 3.91 -36.99
N ALA A 12 -17.36 4.78 -36.12
CA ALA A 12 -16.60 5.93 -36.57
C ALA A 12 -15.26 5.52 -37.15
N THR A 13 -14.91 6.09 -38.30
CA THR A 13 -13.70 5.69 -39.00
C THR A 13 -12.45 6.20 -38.29
N LYS A 14 -12.53 7.36 -37.64
CA LYS A 14 -11.39 8.01 -37.03
C LYS A 14 -11.59 8.10 -35.52
N PHE A 15 -10.55 7.71 -34.78
CA PHE A 15 -10.52 7.82 -33.33
C PHE A 15 -9.30 8.63 -32.92
N PRO A 16 -9.41 9.46 -31.90
CA PRO A 16 -8.28 10.31 -31.50
C PRO A 16 -7.33 9.56 -30.58
N SER A 17 -6.15 10.15 -30.41
CA SER A 17 -5.22 9.67 -29.40
C SER A 17 -5.79 9.93 -28.00
N VAL A 18 -5.13 9.36 -26.99
CA VAL A 18 -5.67 9.44 -25.64
C VAL A 18 -5.55 10.86 -25.08
N TYR A 19 -4.41 11.52 -25.29
CA TYR A 19 -4.20 12.84 -24.73
C TYR A 19 -5.20 13.85 -25.28
N ALA A 20 -5.64 13.66 -26.52
CA ALA A 20 -6.63 14.55 -27.14
C ALA A 20 -7.99 13.86 -27.21
N TRP A 21 -8.37 13.15 -26.15
CA TRP A 21 -9.60 12.38 -26.19
C TRP A 21 -10.81 13.28 -26.42
N GLU A 22 -11.83 12.71 -27.04
CA GLU A 22 -13.03 13.44 -27.44
C GLU A 22 -14.25 12.86 -26.73
N ARG A 23 -15.22 13.72 -26.51
CA ARG A 23 -16.45 13.38 -25.80
C ARG A 23 -17.64 13.78 -26.65
N LYS A 24 -18.58 12.85 -26.82
CA LYS A 24 -19.81 13.12 -27.55
C LYS A 24 -20.93 13.20 -26.54
N LYS A 25 -21.67 14.31 -26.56
CA LYS A 25 -22.75 14.53 -25.62
C LYS A 25 -24.00 13.82 -26.11
N ILE A 26 -24.63 13.06 -25.22
CA ILE A 26 -25.85 12.34 -25.51
C ILE A 26 -27.00 13.02 -24.77
N SER A 27 -28.06 13.35 -25.52
CA SER A 27 -29.19 14.06 -24.94
C SER A 27 -30.45 13.71 -25.72
N ASN A 28 -31.59 13.85 -25.04
CA ASN A 28 -32.92 13.73 -25.65
C ASN A 28 -33.05 12.39 -26.39
N CYS A 29 -32.92 11.31 -25.64
CA CYS A 29 -33.00 9.99 -26.25
C CYS A 29 -33.22 8.92 -25.19
N VAL A 30 -33.58 7.72 -25.68
CA VAL A 30 -33.81 6.54 -24.85
C VAL A 30 -32.62 5.60 -25.07
N ALA A 31 -31.81 5.40 -24.04
CA ALA A 31 -30.64 4.56 -24.14
C ALA A 31 -30.98 3.13 -23.73
N ASP A 32 -30.81 2.20 -24.65
CA ASP A 32 -31.03 0.78 -24.41
C ASP A 32 -29.65 0.12 -24.32
N TYR A 33 -29.09 0.09 -23.11
CA TYR A 33 -27.79 -0.52 -22.89
C TYR A 33 -27.84 -2.05 -22.94
N SER A 34 -29.04 -2.64 -22.90
CA SER A 34 -29.16 -4.09 -22.89
C SER A 34 -28.67 -4.72 -24.20
N VAL A 35 -28.98 -4.08 -25.34
CA VAL A 35 -28.58 -4.64 -26.63
C VAL A 35 -27.07 -4.62 -26.82
N LEU A 36 -26.36 -3.74 -26.13
CA LEU A 36 -24.93 -3.58 -26.40
C LEU A 36 -24.10 -4.73 -25.83
N TYR A 37 -24.31 -5.07 -24.55
CA TYR A 37 -23.53 -6.17 -23.97
C TYR A 37 -23.81 -7.50 -24.66
N ASN A 38 -24.98 -7.65 -25.29
CA ASN A 38 -25.28 -8.87 -26.03
C ASN A 38 -24.55 -8.94 -27.36
N SER A 39 -23.67 -7.98 -27.67
CA SER A 39 -22.88 -7.99 -28.88
C SER A 39 -21.44 -8.34 -28.54
N THR A 40 -20.83 -9.17 -29.38
CA THR A 40 -19.44 -9.62 -29.18
C THR A 40 -18.43 -8.63 -29.76
N PHE A 41 -18.88 -7.43 -30.15
CA PHE A 41 -17.99 -6.45 -30.76
C PHE A 41 -16.90 -5.98 -29.81
N PHE A 42 -17.17 -5.98 -28.51
CA PHE A 42 -16.21 -5.55 -27.51
C PHE A 42 -15.56 -6.77 -26.86
N SER A 43 -14.23 -6.78 -26.82
CA SER A 43 -13.54 -7.82 -26.04
C SER A 43 -13.57 -7.51 -24.55
N THR A 44 -13.60 -6.22 -24.20
CA THR A 44 -13.63 -5.76 -22.82
C THR A 44 -14.88 -4.92 -22.60
N PHE A 45 -15.72 -5.33 -21.65
CA PHE A 45 -16.93 -4.60 -21.30
C PHE A 45 -17.12 -4.71 -19.79
N LYS A 46 -16.53 -3.77 -19.05
CA LYS A 46 -16.59 -3.75 -17.59
C LYS A 46 -17.35 -2.52 -17.13
N CYS A 47 -18.32 -2.72 -16.25
CA CYS A 47 -19.13 -1.64 -15.67
C CYS A 47 -18.79 -1.49 -14.19
N TYR A 48 -18.63 -0.24 -13.75
CA TYR A 48 -18.22 0.07 -12.38
C TYR A 48 -19.37 0.71 -11.60
N GLY A 49 -19.56 0.25 -10.37
CA GLY A 49 -20.57 0.82 -9.49
C GLY A 49 -22.02 0.58 -9.87
N VAL A 50 -22.29 -0.17 -10.93
CA VAL A 50 -23.65 -0.46 -11.37
C VAL A 50 -23.60 -1.63 -12.34
N SER A 51 -24.67 -2.41 -12.39
CA SER A 51 -24.79 -3.51 -13.35
C SER A 51 -25.52 -3.04 -14.60
N ALA A 52 -25.02 -3.45 -15.76
CA ALA A 52 -25.60 -2.99 -17.02
C ALA A 52 -27.02 -3.48 -17.21
N THR A 53 -27.38 -4.59 -16.56
CA THR A 53 -28.75 -5.09 -16.68
C THR A 53 -29.74 -4.13 -16.04
N LYS A 54 -29.36 -3.49 -14.93
CA LYS A 54 -30.22 -2.56 -14.21
C LYS A 54 -30.18 -1.15 -14.79
N LEU A 55 -29.24 -0.85 -15.69
CA LEU A 55 -29.19 0.47 -16.31
C LEU A 55 -30.43 0.75 -17.13
N ASN A 56 -31.09 -0.30 -17.64
CA ASN A 56 -32.31 -0.14 -18.43
C ASN A 56 -33.46 0.44 -17.60
N ASP A 57 -33.31 0.54 -16.29
CA ASP A 57 -34.33 1.06 -15.40
C ASP A 57 -33.86 2.32 -14.70
N LEU A 58 -33.14 3.18 -15.43
CA LEU A 58 -32.59 4.40 -14.85
C LEU A 58 -32.69 5.54 -15.85
N CYS A 59 -32.92 6.73 -15.33
CA CYS A 59 -32.97 7.96 -16.10
C CYS A 59 -31.74 8.81 -15.80
N PHE A 60 -31.38 9.65 -16.77
CA PHE A 60 -30.25 10.56 -16.60
C PHE A 60 -30.51 11.83 -17.38
N SER A 61 -29.82 12.90 -16.98
CA SER A 61 -29.92 14.16 -17.71
C SER A 61 -29.14 14.08 -19.03
N ASN A 62 -27.83 13.83 -18.94
CA ASN A 62 -26.98 13.67 -20.13
C ASN A 62 -25.92 12.61 -19.85
N VAL A 63 -25.52 11.91 -20.91
CA VAL A 63 -24.53 10.85 -20.84
C VAL A 63 -23.31 11.27 -21.66
N TYR A 64 -22.12 11.06 -21.10
CA TYR A 64 -20.88 11.47 -21.72
C TYR A 64 -20.12 10.22 -22.16
N ALA A 65 -19.54 10.27 -23.35
CA ALA A 65 -18.82 9.14 -23.93
C ALA A 65 -17.44 9.61 -24.37
N ASP A 66 -16.41 9.17 -23.67
CA ASP A 66 -15.02 9.54 -23.97
C ASP A 66 -14.38 8.47 -24.85
N SER A 67 -14.01 8.85 -26.08
CA SER A 67 -13.39 7.95 -27.03
C SER A 67 -11.90 8.26 -27.13
N PHE A 68 -11.08 7.21 -27.19
CA PHE A 68 -9.63 7.33 -27.30
C PHE A 68 -9.08 5.93 -27.58
N VAL A 69 -7.77 5.85 -27.76
CA VAL A 69 -7.12 4.60 -28.18
C VAL A 69 -5.82 4.45 -27.39
N VAL A 70 -5.62 3.27 -26.81
CA VAL A 70 -4.39 2.87 -26.12
C VAL A 70 -4.10 1.41 -26.44
N LYS A 71 -2.92 0.96 -26.00
CA LYS A 71 -2.54 -0.44 -26.19
C LYS A 71 -3.11 -1.30 -25.07
N GLY A 72 -2.91 -2.61 -25.18
CA GLY A 72 -3.52 -3.53 -24.22
C GLY A 72 -3.03 -3.30 -22.79
N ASP A 73 -1.71 -3.29 -22.60
CA ASP A 73 -1.16 -3.14 -21.26
C ASP A 73 -1.60 -1.84 -20.61
N ASP A 74 -2.12 -0.89 -21.37
CA ASP A 74 -2.62 0.37 -20.85
C ASP A 74 -4.14 0.41 -20.76
N VAL A 75 -4.84 -0.68 -21.07
CA VAL A 75 -6.28 -0.68 -20.85
C VAL A 75 -6.62 -0.86 -19.37
N ARG A 76 -5.81 -1.61 -18.62
CA ARG A 76 -6.08 -1.78 -17.20
C ARG A 76 -5.98 -0.48 -16.43
N GLN A 77 -5.23 0.51 -16.94
CA GLN A 77 -5.14 1.79 -16.24
C GLN A 77 -6.42 2.61 -16.35
N ILE A 78 -7.34 2.22 -17.21
CA ILE A 78 -8.63 2.91 -17.33
C ILE A 78 -9.55 2.24 -16.31
N ALA A 79 -9.42 2.66 -15.06
CA ALA A 79 -10.15 2.06 -13.96
C ALA A 79 -10.01 2.92 -12.71
N PRO A 80 -11.03 2.95 -11.85
CA PRO A 80 -10.93 3.71 -10.60
C PRO A 80 -9.80 3.18 -9.73
N GLY A 81 -9.15 4.09 -9.02
CA GLY A 81 -8.05 3.77 -8.14
C GLY A 81 -6.80 3.29 -8.83
N GLN A 82 -6.80 3.23 -10.16
CA GLN A 82 -5.65 2.78 -10.92
C GLN A 82 -4.72 3.95 -11.18
N THR A 83 -3.43 3.71 -11.07
CA THR A 83 -2.40 4.69 -11.37
C THR A 83 -1.71 4.31 -12.68
N GLY A 84 -0.75 5.13 -13.09
CA GLY A 84 -0.02 4.91 -14.33
C GLY A 84 -0.07 6.12 -15.24
N VAL A 85 0.80 6.08 -16.25
CA VAL A 85 0.99 7.23 -17.13
C VAL A 85 -0.31 7.61 -17.83
N ILE A 86 -1.08 6.62 -18.27
CA ILE A 86 -2.36 6.92 -18.92
C ILE A 86 -3.34 7.53 -17.92
N ALA A 87 -3.34 7.04 -16.68
CA ALA A 87 -4.24 7.59 -15.67
C ALA A 87 -3.70 8.87 -15.05
N ASP A 88 -2.39 8.96 -14.85
CA ASP A 88 -1.82 10.15 -14.21
C ASP A 88 -1.88 11.35 -15.15
N TYR A 89 -1.48 11.18 -16.41
CA TYR A 89 -1.26 12.31 -17.30
C TYR A 89 -2.23 12.40 -18.47
N ASN A 90 -2.96 11.34 -18.79
CA ASN A 90 -3.76 11.33 -20.00
C ASN A 90 -5.25 11.23 -19.75
N TYR A 91 -5.68 10.32 -18.86
CA TYR A 91 -7.10 10.12 -18.63
C TYR A 91 -7.27 9.52 -17.24
N LYS A 92 -7.75 10.30 -16.29
CA LYS A 92 -7.94 9.84 -14.92
C LYS A 92 -9.42 9.64 -14.64
N LEU A 93 -9.75 8.51 -14.10
CA LEU A 93 -11.10 8.21 -13.65
C LEU A 93 -11.19 8.34 -12.14
N PRO A 94 -12.33 8.83 -11.64
CA PRO A 94 -12.50 8.97 -10.19
C PRO A 94 -12.74 7.64 -9.52
N ASP A 95 -12.26 7.53 -8.27
CA ASP A 95 -12.42 6.29 -7.53
C ASP A 95 -13.89 5.98 -7.25
N ASP A 96 -14.73 7.02 -7.14
CA ASP A 96 -16.17 6.87 -6.97
C ASP A 96 -16.91 6.88 -8.31
N PHE A 97 -16.26 6.38 -9.38
CA PHE A 97 -16.84 6.38 -10.71
C PHE A 97 -18.07 5.47 -10.79
N MET A 98 -19.00 5.85 -11.66
CA MET A 98 -20.23 5.09 -11.90
C MET A 98 -20.47 5.10 -13.42
N GLY A 99 -20.06 4.02 -14.06
CA GLY A 99 -20.24 3.91 -15.50
C GLY A 99 -19.64 2.62 -16.00
N CYS A 100 -19.39 2.58 -17.31
CA CYS A 100 -18.90 1.37 -17.96
C CYS A 100 -17.69 1.69 -18.82
N VAL A 101 -16.84 0.69 -19.01
CA VAL A 101 -15.66 0.78 -19.83
C VAL A 101 -15.80 -0.24 -20.96
N LEU A 102 -15.55 0.21 -22.19
CA LEU A 102 -15.70 -0.61 -23.38
C LEU A 102 -14.41 -0.56 -24.17
N ALA A 103 -14.02 -1.70 -24.74
CA ALA A 103 -12.78 -1.82 -25.50
C ALA A 103 -12.89 -3.03 -26.41
N TRP A 104 -12.06 -3.02 -27.46
CA TRP A 104 -12.01 -4.13 -28.41
C TRP A 104 -10.75 -3.97 -29.24
N ASN A 105 -10.23 -5.11 -29.72
CA ASN A 105 -8.98 -5.08 -30.47
C ASN A 105 -9.20 -4.51 -31.86
N THR A 106 -8.26 -3.68 -32.30
CA THR A 106 -8.31 -3.06 -33.62
C THR A 106 -6.93 -3.12 -34.27
N ARG A 107 -6.29 -4.29 -34.20
CA ARG A 107 -5.02 -4.47 -34.88
C ARG A 107 -5.17 -4.31 -36.39
N ASN A 108 -6.31 -4.75 -36.92
CA ASN A 108 -6.54 -4.76 -38.36
C ASN A 108 -6.64 -3.36 -38.98
N ILE A 109 -6.99 -2.34 -38.19
CA ILE A 109 -7.22 -1.01 -38.75
C ILE A 109 -6.24 0.05 -38.23
N ASP A 110 -5.55 -0.18 -37.11
CA ASP A 110 -4.67 0.81 -36.51
C ASP A 110 -3.21 0.34 -36.40
N ALA A 111 -2.86 -0.78 -37.02
CA ALA A 111 -1.51 -1.32 -37.01
C ALA A 111 -1.02 -1.48 -38.45
N THR A 112 0.25 -1.14 -38.67
CA THR A 112 0.88 -1.30 -39.98
C THR A 112 2.22 -1.99 -39.81
N SER A 113 2.68 -2.64 -40.88
CA SER A 113 3.97 -3.32 -40.82
C SER A 113 5.14 -2.36 -40.59
N THR A 114 4.97 -1.08 -40.93
CA THR A 114 6.00 -0.08 -40.68
C THR A 114 5.92 0.54 -39.29
N GLY A 115 4.74 0.51 -38.67
CA GLY A 115 4.54 1.15 -37.39
C GLY A 115 3.70 2.40 -37.54
N ASN A 116 2.53 2.40 -36.92
CA ASN A 116 1.59 3.53 -36.99
C ASN A 116 1.82 4.37 -35.73
N HIS A 117 2.63 5.41 -35.86
CA HIS A 117 2.98 6.27 -34.73
C HIS A 117 2.13 7.54 -34.65
N ASN A 118 1.00 7.58 -35.38
CA ASN A 118 0.08 8.71 -35.28
C ASN A 118 -0.58 8.82 -33.92
N TYR A 119 -0.65 7.71 -33.19
CA TYR A 119 -1.27 7.69 -31.87
C TYR A 119 -0.20 8.02 -30.84
N LYS A 120 -0.41 9.09 -30.08
CA LYS A 120 0.56 9.57 -29.12
C LYS A 120 -0.06 9.56 -27.73
N TYR A 121 0.82 9.56 -26.71
CA TYR A 121 0.39 9.68 -25.32
C TYR A 121 1.37 10.58 -24.57
N ARG A 122 0.86 11.27 -23.55
CA ARG A 122 1.66 12.18 -22.74
C ARG A 122 2.38 11.42 -21.62
N TYR A 123 3.66 11.68 -21.46
CA TYR A 123 4.43 11.05 -20.39
C TYR A 123 5.12 12.06 -19.48
N LEU A 124 4.93 13.36 -19.72
CA LEU A 124 5.52 14.39 -18.87
C LEU A 124 4.50 15.50 -18.71
N ARG A 125 4.35 15.95 -17.46
CA ARG A 125 3.43 17.01 -17.12
C ARG A 125 3.84 17.56 -15.76
N HIS A 126 3.44 18.80 -15.49
CA HIS A 126 3.67 19.43 -14.20
C HIS A 126 2.44 19.17 -13.33
N GLY A 127 2.47 18.05 -12.62
CA GLY A 127 1.34 17.64 -11.80
C GLY A 127 0.42 16.68 -12.54
N LYS A 128 -0.25 15.83 -11.76
CA LYS A 128 -1.16 14.86 -12.34
C LYS A 128 -2.50 15.51 -12.67
N LEU A 129 -3.39 14.76 -13.31
CA LEU A 129 -4.67 15.28 -13.78
C LEU A 129 -5.77 15.08 -12.75
N ARG A 130 -6.68 16.03 -12.67
CA ARG A 130 -7.93 15.81 -11.97
C ARG A 130 -8.80 14.89 -12.83
N PRO A 131 -9.85 14.31 -12.25
CA PRO A 131 -10.80 13.52 -13.05
C PRO A 131 -11.37 14.30 -14.21
N PHE A 132 -11.31 13.69 -15.40
CA PHE A 132 -11.82 14.25 -16.65
C PHE A 132 -11.07 15.50 -17.11
N GLU A 133 -9.90 15.76 -16.56
CA GLU A 133 -9.08 16.85 -17.04
C GLU A 133 -8.37 16.44 -18.32
N ARG A 134 -8.16 17.41 -19.22
CA ARG A 134 -7.66 17.18 -20.57
C ARG A 134 -6.57 18.22 -20.85
N ASP A 135 -5.32 17.77 -20.95
CA ASP A 135 -4.19 18.66 -21.23
C ASP A 135 -3.65 18.33 -22.61
N ILE A 136 -4.07 19.12 -23.62
CA ILE A 136 -3.61 18.92 -24.99
C ILE A 136 -2.49 19.89 -25.37
N SER A 137 -1.86 20.53 -24.39
CA SER A 137 -0.71 21.37 -24.68
C SER A 137 0.46 20.54 -25.21
N ASN A 138 1.30 21.17 -26.02
CA ASN A 138 2.46 20.50 -26.59
C ASN A 138 3.70 21.38 -26.40
N VAL A 139 3.87 21.90 -25.20
CA VAL A 139 4.98 22.78 -24.86
C VAL A 139 6.13 21.93 -24.33
N PRO A 140 7.37 22.19 -24.75
CA PRO A 140 8.50 21.39 -24.27
C PRO A 140 8.57 21.41 -22.76
N PHE A 141 8.48 20.23 -22.16
CA PHE A 141 8.48 20.12 -20.70
C PHE A 141 9.87 20.42 -20.13
N SER A 142 9.87 21.03 -18.93
CA SER A 142 11.08 21.33 -18.19
C SER A 142 10.78 21.15 -16.72
N PRO A 143 11.72 20.63 -15.93
CA PRO A 143 11.45 20.49 -14.49
C PRO A 143 11.27 21.82 -13.80
N ASP A 144 12.11 22.82 -14.12
CA ASP A 144 11.99 24.13 -13.51
C ASP A 144 10.72 24.87 -13.93
N GLY A 145 9.98 24.39 -14.92
CA GLY A 145 8.83 25.11 -15.42
C GLY A 145 9.14 26.16 -16.46
N LYS A 146 10.39 26.60 -16.55
CA LYS A 146 10.77 27.63 -17.52
C LYS A 146 10.74 27.08 -18.94
N PRO A 147 10.04 27.73 -19.88
CA PRO A 147 10.00 27.22 -21.26
C PRO A 147 11.40 27.25 -21.86
N CYS A 148 11.79 26.12 -22.48
CA CYS A 148 13.10 25.99 -23.08
C CYS A 148 13.01 25.44 -24.51
N THR A 149 14.21 25.25 -25.13
CA THR A 149 14.38 24.63 -26.45
C THR A 149 14.45 23.11 -26.31
N PRO A 150 13.66 22.38 -27.08
CA PRO A 150 13.41 20.95 -26.78
C PRO A 150 14.67 20.08 -26.84
N PRO A 151 15.64 20.33 -27.76
CA PRO A 151 16.85 19.47 -27.70
C PRO A 151 17.92 19.91 -26.70
N ALA A 152 17.56 20.75 -25.73
CA ALA A 152 18.46 21.25 -24.69
C ALA A 152 18.41 20.37 -23.44
N LEU A 153 19.35 20.63 -22.53
CA LEU A 153 19.42 19.87 -21.29
C LEU A 153 18.14 20.05 -20.48
N ASN A 154 17.70 18.98 -19.82
CA ASN A 154 16.55 19.04 -18.93
C ASN A 154 15.33 19.62 -19.64
N CYS A 155 15.27 19.44 -20.96
CA CYS A 155 14.15 19.93 -21.75
C CYS A 155 13.71 18.82 -22.71
N TYR A 156 12.47 18.37 -22.55
CA TYR A 156 11.96 17.22 -23.28
C TYR A 156 10.61 17.56 -23.90
N TRP A 157 10.26 16.80 -24.92
CA TRP A 157 8.91 16.97 -25.43
C TRP A 157 7.93 16.21 -24.54
N PRO A 158 6.67 16.66 -24.48
CA PRO A 158 5.73 16.02 -23.55
C PRO A 158 5.06 14.77 -24.11
N LEU A 159 4.98 14.63 -25.43
CA LEU A 159 4.27 13.51 -26.02
C LEU A 159 5.26 12.47 -26.52
N ASN A 160 4.86 11.20 -26.42
CA ASN A 160 5.60 10.07 -26.97
C ASN A 160 4.64 9.26 -27.85
N ASP A 161 5.20 8.30 -28.58
CA ASP A 161 4.49 7.62 -29.65
C ASP A 161 4.17 6.18 -29.27
N TYR A 162 3.00 5.71 -29.69
CA TYR A 162 2.70 4.29 -29.70
C TYR A 162 3.21 3.70 -31.01
N GLY A 163 3.95 2.60 -30.91
CA GLY A 163 4.34 1.83 -32.08
C GLY A 163 3.45 0.63 -32.24
N PHE A 164 2.51 0.69 -33.18
CA PHE A 164 1.52 -0.36 -33.39
C PHE A 164 1.88 -1.09 -34.69
N TYR A 165 2.55 -2.23 -34.57
CA TYR A 165 2.85 -3.08 -35.70
C TYR A 165 1.88 -4.26 -35.75
N THR A 166 2.04 -5.09 -36.78
CA THR A 166 1.27 -6.32 -36.89
C THR A 166 2.00 -7.50 -36.26
N THR A 167 3.32 -7.37 -36.07
CA THR A 167 4.14 -8.45 -35.55
C THR A 167 4.10 -8.57 -34.03
N THR A 168 3.58 -7.56 -33.34
CA THR A 168 3.60 -7.56 -31.89
C THR A 168 2.43 -8.37 -31.31
N GLY A 169 2.61 -8.82 -30.08
CA GLY A 169 1.57 -9.56 -29.39
C GLY A 169 0.38 -8.67 -29.02
N ILE A 170 -0.67 -9.31 -28.50
CA ILE A 170 -1.90 -8.59 -28.17
C ILE A 170 -1.73 -7.63 -27.01
N GLY A 171 -0.65 -7.77 -26.22
CA GLY A 171 -0.36 -6.79 -25.19
C GLY A 171 0.04 -5.45 -25.74
N TYR A 172 0.62 -5.41 -26.94
CA TYR A 172 1.05 -4.18 -27.57
C TYR A 172 0.11 -3.71 -28.68
N GLN A 173 -1.05 -4.31 -28.81
CA GLN A 173 -1.92 -3.97 -29.93
C GLN A 173 -2.91 -2.87 -29.56
N PRO A 174 -3.34 -2.06 -30.53
CA PRO A 174 -4.25 -0.95 -30.23
C PRO A 174 -5.67 -1.44 -29.92
N TYR A 175 -6.24 -0.92 -28.84
CA TYR A 175 -7.64 -1.13 -28.50
C TYR A 175 -8.36 0.20 -28.51
N ARG A 176 -9.61 0.19 -28.97
CA ARG A 176 -10.41 1.40 -29.06
C ARG A 176 -11.40 1.42 -27.89
N VAL A 177 -11.21 2.38 -26.99
CA VAL A 177 -11.93 2.47 -25.73
C VAL A 177 -13.01 3.54 -25.83
N VAL A 178 -14.17 3.27 -25.22
CA VAL A 178 -15.26 4.23 -25.06
C VAL A 178 -15.74 4.14 -23.63
N VAL A 179 -15.64 5.24 -22.89
CA VAL A 179 -16.00 5.32 -21.47
C VAL A 179 -17.36 5.97 -21.33
N LEU A 180 -18.20 5.39 -20.48
CA LEU A 180 -19.59 5.83 -20.32
C LEU A 180 -19.82 6.41 -18.94
N SER A 181 -20.36 7.64 -18.89
CA SER A 181 -20.71 8.30 -17.64
C SER A 181 -22.22 8.49 -17.51
N THR A 190 -33.70 13.46 -19.33
CA THR A 190 -34.21 13.23 -20.68
C THR A 190 -33.68 11.91 -21.25
N VAL A 191 -32.51 11.48 -20.77
CA VAL A 191 -31.88 10.25 -21.22
C VAL A 191 -32.28 9.15 -20.25
N CYS A 192 -33.26 8.36 -20.64
CA CYS A 192 -33.85 7.30 -19.84
C CYS A 192 -33.67 5.97 -20.54
N GLY A 193 -34.08 4.89 -19.88
CA GLY A 193 -34.18 3.61 -20.52
C GLY A 193 -35.51 3.46 -21.23
N PRO A 194 -35.71 2.28 -21.85
CA PRO A 194 -36.96 1.99 -22.56
C PRO A 194 -38.20 2.08 -21.68
N THR B 1 42.46 9.23 21.24
CA THR B 1 42.86 9.86 22.50
C THR B 1 41.79 10.81 23.02
N ASN B 2 41.55 11.89 22.28
CA ASN B 2 40.54 12.87 22.68
C ASN B 2 39.13 12.27 22.56
N LEU B 3 38.23 12.75 23.41
CA LEU B 3 36.87 12.23 23.44
C LEU B 3 35.95 13.05 22.55
N CYS B 4 34.89 12.39 22.06
CA CYS B 4 34.00 13.04 21.12
C CYS B 4 33.11 14.04 21.87
N PRO B 5 32.91 15.18 21.33
CA PRO B 5 32.10 16.21 22.01
C PRO B 5 30.61 15.95 21.88
N PHE B 6 30.13 14.93 22.61
CA PHE B 6 28.73 14.57 22.55
C PHE B 6 27.89 15.49 23.43
N GLY B 7 28.31 15.69 24.68
CA GLY B 7 27.53 16.49 25.61
C GLY B 7 27.30 17.91 25.13
N GLU B 8 28.19 18.43 24.29
CA GLU B 8 27.98 19.73 23.67
C GLU B 8 26.75 19.73 22.77
N VAL B 9 26.30 18.57 22.32
CA VAL B 9 25.14 18.45 21.42
C VAL B 9 23.91 18.05 22.22
N PHE B 10 24.11 17.28 23.29
CA PHE B 10 23.01 16.78 24.10
C PHE B 10 22.65 17.76 25.22
N ASN B 11 23.64 18.28 25.95
CA ASN B 11 23.43 19.36 26.92
C ASN B 11 23.43 20.74 26.26
N ALA B 12 23.24 20.83 24.93
CA ALA B 12 23.16 22.13 24.27
C ALA B 12 21.88 22.84 24.67
N THR B 13 22.00 24.14 24.99
CA THR B 13 20.86 24.84 25.58
C THR B 13 19.77 25.12 24.55
N LYS B 14 20.15 25.39 23.30
CA LYS B 14 19.19 25.79 22.28
C LYS B 14 19.22 24.82 21.10
N PHE B 15 18.04 24.45 20.62
CA PHE B 15 17.85 23.57 19.47
C PHE B 15 17.04 24.28 18.38
N PRO B 16 17.36 24.03 17.11
CA PRO B 16 16.67 24.71 16.02
C PRO B 16 15.34 24.01 15.68
N SER B 17 14.55 24.71 14.88
CA SER B 17 13.34 24.10 14.32
C SER B 17 13.74 22.98 13.35
N VAL B 18 12.75 22.19 12.94
CA VAL B 18 13.03 21.00 12.14
C VAL B 18 13.45 21.40 10.73
N TYR B 19 12.74 22.34 10.11
CA TYR B 19 13.04 22.71 8.74
C TYR B 19 14.44 23.30 8.60
N ALA B 20 14.93 23.96 9.65
CA ALA B 20 16.26 24.56 9.65
C ALA B 20 17.24 23.74 10.47
N TRP B 21 17.14 22.41 10.38
CA TRP B 21 17.98 21.53 11.17
C TRP B 21 19.46 21.74 10.85
N GLU B 22 20.30 21.51 11.86
CA GLU B 22 21.73 21.74 11.76
C GLU B 22 22.50 20.46 12.04
N ARG B 23 23.67 20.32 11.43
CA ARG B 23 24.48 19.11 11.49
C ARG B 23 25.89 19.43 11.96
N LYS B 24 26.36 18.71 12.97
CA LYS B 24 27.72 18.83 13.47
C LYS B 24 28.53 17.62 13.07
N LYS B 25 29.67 17.86 12.42
CA LYS B 25 30.57 16.81 11.98
C LYS B 25 31.46 16.35 13.13
N ILE B 26 31.55 15.04 13.34
CA ILE B 26 32.40 14.45 14.37
C ILE B 26 33.58 13.80 13.68
N SER B 27 34.78 14.14 14.14
CA SER B 27 36.00 13.61 13.55
C SER B 27 37.09 13.56 14.61
N ASN B 28 38.03 12.64 14.42
CA ASN B 28 39.25 12.57 15.23
C ASN B 28 38.93 12.50 16.73
N CYS B 29 38.24 11.44 17.11
CA CYS B 29 37.88 11.20 18.51
C CYS B 29 37.47 9.74 18.65
N VAL B 30 37.36 9.29 19.90
CA VAL B 30 36.95 7.93 20.21
C VAL B 30 35.53 7.99 20.76
N ALA B 31 34.58 7.47 20.00
CA ALA B 31 33.17 7.48 20.37
C ALA B 31 32.82 6.18 21.06
N ASP B 32 32.34 6.27 22.30
CA ASP B 32 31.92 5.10 23.07
C ASP B 32 30.40 5.07 23.07
N TYR B 33 29.82 4.40 22.08
CA TYR B 33 28.38 4.29 21.94
C TYR B 33 27.75 3.38 22.99
N SER B 34 28.55 2.61 23.74
CA SER B 34 27.97 1.74 24.76
C SER B 34 27.34 2.55 25.89
N VAL B 35 27.98 3.67 26.29
CA VAL B 35 27.46 4.49 27.39
C VAL B 35 26.16 5.16 27.00
N LEU B 36 25.94 5.38 25.71
CA LEU B 36 24.74 6.09 25.27
C LEU B 36 23.52 5.17 25.35
N TYR B 37 23.64 3.95 24.82
CA TYR B 37 22.53 3.01 24.89
C TYR B 37 22.23 2.60 26.32
N ASN B 38 23.25 2.59 27.19
CA ASN B 38 23.09 2.26 28.60
C ASN B 38 22.60 3.43 29.43
N SER B 39 22.32 4.59 28.83
CA SER B 39 21.87 5.77 29.56
C SER B 39 20.39 6.02 29.31
N THR B 40 19.67 6.37 30.38
CA THR B 40 18.25 6.63 30.32
C THR B 40 17.92 8.07 29.96
N PHE B 41 18.93 8.84 29.55
CA PHE B 41 18.69 10.25 29.23
C PHE B 41 17.75 10.38 28.03
N PHE B 42 17.79 9.42 27.10
CA PHE B 42 16.91 9.39 25.95
C PHE B 42 15.78 8.40 26.22
N SER B 43 14.54 8.85 26.04
CA SER B 43 13.42 7.92 26.14
C SER B 43 13.26 7.09 24.87
N THR B 44 13.64 7.64 23.72
CA THR B 44 13.54 6.94 22.44
C THR B 44 14.93 6.84 21.84
N PHE B 45 15.38 5.62 21.55
CA PHE B 45 16.70 5.39 20.99
C PHE B 45 16.57 4.25 19.99
N LYS B 46 16.29 4.59 18.73
CA LYS B 46 16.02 3.60 17.69
C LYS B 46 17.17 3.57 16.69
N CYS B 47 17.70 2.38 16.46
CA CYS B 47 18.78 2.17 15.48
C CYS B 47 18.28 1.34 14.32
N TYR B 48 18.57 1.79 13.11
CA TYR B 48 18.10 1.14 11.90
C TYR B 48 19.28 0.50 11.17
N GLY B 49 19.10 -0.75 10.76
CA GLY B 49 20.11 -1.48 10.01
C GLY B 49 21.36 -1.85 10.77
N VAL B 50 21.46 -1.54 12.06
CA VAL B 50 22.67 -1.84 12.83
C VAL B 50 22.32 -1.75 14.31
N SER B 51 23.05 -2.54 15.11
CA SER B 51 22.92 -2.50 16.57
C SER B 51 23.94 -1.54 17.16
N ALA B 52 23.48 -0.72 18.11
CA ALA B 52 24.37 0.25 18.74
C ALA B 52 25.47 -0.43 19.53
N THR B 53 25.26 -1.67 19.96
CA THR B 53 26.26 -2.39 20.74
C THR B 53 27.52 -2.66 19.93
N LYS B 54 27.38 -2.95 18.64
CA LYS B 54 28.56 -3.28 17.83
C LYS B 54 29.27 -2.04 17.32
N LEU B 55 28.68 -0.85 17.46
CA LEU B 55 29.38 0.37 17.07
C LEU B 55 30.62 0.59 17.91
N ASN B 56 30.63 0.07 19.15
CA ASN B 56 31.79 0.21 20.02
C ASN B 56 33.01 -0.52 19.50
N ASP B 57 32.85 -1.40 18.52
CA ASP B 57 33.92 -2.17 17.91
C ASP B 57 34.06 -1.83 16.43
N LEU B 58 33.87 -0.56 16.06
CA LEU B 58 33.86 -0.15 14.66
C LEU B 58 34.53 1.20 14.47
N CYS B 59 35.15 1.37 13.31
CA CYS B 59 35.77 2.61 12.90
C CYS B 59 34.95 3.28 11.79
N PHE B 60 35.07 4.60 11.71
CA PHE B 60 34.39 5.39 10.69
C PHE B 60 35.29 6.56 10.34
N SER B 61 35.07 7.13 9.16
CA SER B 61 35.82 8.32 8.77
C SER B 61 35.30 9.53 9.52
N ASN B 62 34.03 9.86 9.35
CA ASN B 62 33.41 10.98 10.04
C ASN B 62 31.97 10.62 10.36
N VAL B 63 31.48 11.15 11.49
CA VAL B 63 30.12 10.92 11.95
C VAL B 63 29.38 12.25 11.96
N TYR B 64 28.15 12.26 11.44
CA TYR B 64 27.34 13.46 11.36
C TYR B 64 26.13 13.35 12.29
N ALA B 65 25.80 14.45 12.97
CA ALA B 65 24.72 14.50 13.95
C ALA B 65 23.78 15.65 13.61
N ASP B 66 22.57 15.31 13.19
CA ASP B 66 21.55 16.28 12.84
C ASP B 66 20.66 16.54 14.04
N SER B 67 20.67 17.78 14.54
CA SER B 67 19.90 18.18 15.70
C SER B 67 18.70 19.01 15.26
N PHE B 68 17.54 18.72 15.84
CA PHE B 68 16.30 19.45 15.53
C PHE B 68 15.25 19.07 16.56
N VAL B 69 14.05 19.63 16.40
CA VAL B 69 12.97 19.51 17.37
C VAL B 69 11.64 19.35 16.65
N VAL B 70 10.86 18.33 17.01
CA VAL B 70 9.50 18.13 16.54
C VAL B 70 8.66 17.65 17.71
N LYS B 71 7.35 17.59 17.50
CA LYS B 71 6.44 17.13 18.53
C LYS B 71 6.42 15.60 18.58
N GLY B 72 5.72 15.06 19.57
CA GLY B 72 5.75 13.62 19.78
C GLY B 72 5.21 12.78 18.64
N ASP B 73 3.96 13.04 18.24
CA ASP B 73 3.31 12.26 17.20
C ASP B 73 4.06 12.31 15.87
N ASP B 74 4.98 13.26 15.70
CA ASP B 74 5.74 13.39 14.47
C ASP B 74 7.15 12.84 14.57
N VAL B 75 7.53 12.26 15.71
CA VAL B 75 8.82 11.60 15.78
C VAL B 75 8.77 10.31 14.98
N ARG B 76 7.58 9.71 14.86
CA ARG B 76 7.43 8.47 14.10
C ARG B 76 7.81 8.67 12.63
N GLN B 77 7.71 9.90 12.14
CA GLN B 77 8.10 10.23 10.76
C GLN B 77 9.60 10.37 10.57
N ILE B 78 10.40 10.31 11.63
CA ILE B 78 11.87 10.31 11.47
C ILE B 78 12.29 8.84 11.37
N ALA B 79 12.15 8.29 10.15
CA ALA B 79 12.40 6.89 9.87
C ALA B 79 12.39 6.64 8.36
N PRO B 80 13.17 5.66 7.88
CA PRO B 80 13.07 5.29 6.46
C PRO B 80 11.67 4.79 6.13
N GLY B 81 11.24 5.05 4.90
CA GLY B 81 9.93 4.63 4.45
C GLY B 81 8.75 5.36 5.06
N GLN B 82 8.99 6.34 5.93
CA GLN B 82 7.91 7.08 6.57
C GLN B 82 7.47 8.25 5.70
N THR B 83 6.17 8.45 5.61
CA THR B 83 5.59 9.59 4.89
C THR B 83 5.06 10.61 5.87
N GLY B 84 4.61 11.74 5.35
CA GLY B 84 4.07 12.80 6.16
C GLY B 84 4.81 14.11 5.96
N VAL B 85 4.20 15.17 6.50
CA VAL B 85 4.69 16.53 6.27
C VAL B 85 6.15 16.65 6.71
N ILE B 86 6.49 16.09 7.88
CA ILE B 86 7.86 16.22 8.37
C ILE B 86 8.84 15.46 7.47
N ALA B 87 8.43 14.29 6.98
CA ALA B 87 9.33 13.51 6.13
C ALA B 87 9.36 14.06 4.71
N ASP B 88 8.21 14.54 4.22
CA ASP B 88 8.13 15.03 2.85
C ASP B 88 8.87 16.36 2.68
N TYR B 89 8.65 17.30 3.59
CA TYR B 89 9.06 18.69 3.37
C TYR B 89 10.13 19.22 4.32
N ASN B 90 10.41 18.53 5.43
CA ASN B 90 11.31 19.04 6.46
C ASN B 90 12.55 18.19 6.67
N TYR B 91 12.39 16.86 6.73
CA TYR B 91 13.53 15.97 6.96
C TYR B 91 13.19 14.59 6.44
N LYS B 92 13.83 14.18 5.34
CA LYS B 92 13.58 12.89 4.72
C LYS B 92 14.74 11.94 5.00
N LEU B 93 14.40 10.70 5.43
CA LEU B 93 15.46 9.73 5.62
C LEU B 93 15.49 8.76 4.45
N PRO B 94 16.68 8.34 4.04
CA PRO B 94 16.78 7.38 2.95
C PRO B 94 16.40 5.98 3.41
N ASP B 95 15.78 5.24 2.50
CA ASP B 95 15.32 3.89 2.81
C ASP B 95 16.48 2.95 3.13
N ASP B 96 17.67 3.22 2.58
CA ASP B 96 18.86 2.43 2.89
C ASP B 96 19.65 3.01 4.06
N PHE B 97 18.97 3.69 4.97
CA PHE B 97 19.61 4.31 6.12
C PHE B 97 20.21 3.27 7.05
N MET B 98 21.34 3.63 7.65
CA MET B 98 21.99 2.77 8.62
C MET B 98 22.51 3.67 9.75
N GLY B 99 21.74 3.76 10.82
CA GLY B 99 22.13 4.61 11.93
C GLY B 99 21.12 4.59 13.03
N CYS B 100 21.17 5.62 13.87
CA CYS B 100 20.36 5.66 15.07
C CYS B 100 19.65 7.00 15.21
N VAL B 101 18.51 6.95 15.88
CA VAL B 101 17.68 8.11 16.18
C VAL B 101 17.55 8.23 17.70
N LEU B 102 17.71 9.45 18.20
CA LEU B 102 17.68 9.73 19.62
C LEU B 102 16.67 10.83 19.86
N ALA B 103 15.92 10.72 20.96
CA ALA B 103 14.89 11.70 21.28
C ALA B 103 14.60 11.64 22.77
N TRP B 104 14.05 12.74 23.30
CA TRP B 104 13.68 12.81 24.71
C TRP B 104 12.79 14.03 24.93
N ASN B 105 11.90 13.91 25.91
CA ASN B 105 10.92 14.96 26.17
C ASN B 105 11.58 16.17 26.83
N THR B 106 11.19 17.36 26.38
CA THR B 106 11.73 18.62 26.88
C THR B 106 10.63 19.65 27.11
N ARG B 107 9.47 19.20 27.62
CA ARG B 107 8.41 20.14 27.96
C ARG B 107 8.87 21.12 29.03
N ASN B 108 9.83 20.71 29.87
CA ASN B 108 10.35 21.58 30.92
C ASN B 108 11.03 22.81 30.35
N ILE B 109 11.56 22.74 29.14
CA ILE B 109 12.28 23.86 28.56
C ILE B 109 11.60 24.43 27.33
N ASP B 110 10.68 23.69 26.69
CA ASP B 110 10.05 24.13 25.46
C ASP B 110 8.54 24.26 25.54
N ALA B 111 7.95 24.12 26.72
CA ALA B 111 6.50 24.27 26.90
C ALA B 111 6.23 25.33 27.96
N THR B 112 5.25 26.17 27.68
CA THR B 112 4.81 27.23 28.57
C THR B 112 3.28 27.20 28.67
N SER B 113 2.75 27.73 29.77
CA SER B 113 1.30 27.79 29.90
C SER B 113 0.66 28.71 28.87
N THR B 114 1.43 29.65 28.31
CA THR B 114 0.95 30.55 27.27
C THR B 114 1.12 29.97 25.86
N GLY B 115 2.07 29.06 25.66
CA GLY B 115 2.32 28.53 24.33
C GLY B 115 3.59 29.02 23.68
N ASN B 116 4.51 28.10 23.37
CA ASN B 116 5.79 28.39 22.72
C ASN B 116 5.67 28.13 21.22
N HIS B 117 5.41 29.20 20.45
CA HIS B 117 5.25 29.11 19.01
C HIS B 117 6.52 29.48 18.26
N ASN B 118 7.66 29.57 18.95
CA ASN B 118 8.92 29.88 18.28
C ASN B 118 9.36 28.75 17.35
N TYR B 119 8.88 27.53 17.57
CA TYR B 119 9.27 26.37 16.77
C TYR B 119 8.34 26.22 15.58
N LYS B 120 8.91 26.28 14.38
CA LYS B 120 8.15 26.25 13.14
C LYS B 120 8.57 25.04 12.32
N TYR B 121 7.68 24.60 11.44
CA TYR B 121 7.96 23.52 10.52
C TYR B 121 7.35 23.87 9.16
N ARG B 122 7.91 23.31 8.09
CA ARG B 122 7.40 23.57 6.76
C ARG B 122 6.25 22.62 6.46
N TYR B 123 5.16 23.16 5.91
CA TYR B 123 4.02 22.35 5.51
C TYR B 123 3.66 22.52 4.05
N LEU B 124 4.41 23.34 3.30
CA LEU B 124 4.19 23.55 1.88
C LEU B 124 5.53 23.66 1.18
N ARG B 125 5.64 22.99 0.03
CA ARG B 125 6.84 23.04 -0.78
C ARG B 125 6.48 22.52 -2.17
N HIS B 126 7.27 22.93 -3.16
CA HIS B 126 7.12 22.46 -4.54
C HIS B 126 8.03 21.26 -4.76
N GLY B 127 7.49 20.09 -4.47
CA GLY B 127 8.22 18.85 -4.53
C GLY B 127 8.74 18.43 -3.17
N LYS B 128 8.84 17.13 -2.97
CA LYS B 128 9.28 16.59 -1.68
C LYS B 128 10.81 16.70 -1.60
N LEU B 129 11.36 16.33 -0.45
CA LEU B 129 12.79 16.50 -0.22
C LEU B 129 13.56 15.25 -0.61
N ARG B 130 14.75 15.46 -1.15
CA ARG B 130 15.73 14.40 -1.29
C ARG B 130 16.24 14.01 0.09
N PRO B 131 16.87 12.84 0.20
CA PRO B 131 17.53 12.49 1.46
C PRO B 131 18.56 13.54 1.84
N PHE B 132 18.46 14.04 3.07
CA PHE B 132 19.36 15.06 3.62
C PHE B 132 19.24 16.41 2.92
N GLU B 133 18.18 16.65 2.15
CA GLU B 133 17.99 17.96 1.55
C GLU B 133 17.44 18.93 2.59
N ARG B 134 17.84 20.19 2.48
CA ARG B 134 17.57 21.21 3.49
C ARG B 134 17.09 22.48 2.80
N ASP B 135 15.82 22.83 2.99
CA ASP B 135 15.22 24.03 2.39
C ASP B 135 14.85 25.01 3.51
N ILE B 136 15.71 26.01 3.73
CA ILE B 136 15.46 27.04 4.75
C ILE B 136 14.91 28.33 4.14
N SER B 137 14.44 28.29 2.89
CA SER B 137 13.79 29.43 2.26
C SER B 137 12.44 29.72 2.92
N ASN B 138 12.02 30.99 2.86
CA ASN B 138 10.76 31.43 3.46
C ASN B 138 9.96 32.24 2.45
N VAL B 139 9.84 31.71 1.23
CA VAL B 139 9.14 32.38 0.14
C VAL B 139 7.68 31.91 0.09
N PRO B 140 6.72 32.83 -0.05
CA PRO B 140 5.30 32.43 -0.10
C PRO B 140 5.02 31.43 -1.22
N PHE B 141 4.44 30.30 -0.83
CA PHE B 141 4.12 29.25 -1.76
C PHE B 141 2.95 29.67 -2.66
N SER B 142 2.96 29.17 -3.88
CA SER B 142 1.90 29.40 -4.83
C SER B 142 1.68 28.12 -5.63
N PRO B 143 0.42 27.80 -5.97
CA PRO B 143 0.17 26.59 -6.76
C PRO B 143 0.80 26.64 -8.14
N ASP B 144 0.68 27.77 -8.84
CA ASP B 144 1.27 27.92 -10.17
C ASP B 144 2.79 27.96 -10.16
N GLY B 145 3.42 28.09 -8.99
CA GLY B 145 4.85 28.27 -8.89
C GLY B 145 5.35 29.69 -9.08
N LYS B 146 4.56 30.53 -9.71
CA LYS B 146 4.96 31.91 -9.94
C LYS B 146 4.98 32.66 -8.62
N PRO B 147 6.05 33.39 -8.31
CA PRO B 147 6.16 34.05 -7.00
C PRO B 147 5.04 35.05 -6.78
N CYS B 148 4.43 34.97 -5.60
CA CYS B 148 3.46 35.96 -5.18
C CYS B 148 3.77 36.44 -3.76
N THR B 149 3.60 37.73 -3.53
CA THR B 149 3.56 38.33 -2.21
C THR B 149 2.15 38.35 -1.59
N PRO B 150 1.10 38.67 -2.34
CA PRO B 150 -0.14 39.14 -1.71
C PRO B 150 -0.76 38.11 -0.79
N PRO B 151 -0.99 38.48 0.46
CA PRO B 151 -1.71 37.60 1.38
C PRO B 151 -3.20 37.71 1.15
N ALA B 152 -3.58 38.16 -0.04
CA ALA B 152 -4.96 38.35 -0.43
C ALA B 152 -5.61 37.08 -1.00
N LEU B 153 -4.94 36.31 -1.87
CA LEU B 153 -5.59 35.14 -2.43
C LEU B 153 -4.60 34.12 -2.98
N ASN B 154 -4.92 32.85 -2.76
CA ASN B 154 -4.21 31.70 -3.36
C ASN B 154 -2.69 31.75 -3.17
N CYS B 155 -2.25 32.47 -2.14
CA CYS B 155 -0.83 32.58 -1.83
C CYS B 155 -0.67 32.38 -0.34
N TYR B 156 0.09 31.36 0.05
CA TYR B 156 0.21 30.95 1.44
C TYR B 156 1.68 30.93 1.85
N TRP B 157 1.90 31.07 3.16
CA TRP B 157 3.23 30.97 3.71
C TRP B 157 3.64 29.51 3.89
N PRO B 158 4.94 29.22 3.74
CA PRO B 158 5.37 27.81 3.77
C PRO B 158 5.56 27.25 5.17
N LEU B 159 5.77 28.07 6.19
CA LEU B 159 6.06 27.57 7.54
C LEU B 159 4.81 27.66 8.41
N ASN B 160 4.65 26.68 9.31
CA ASN B 160 3.61 26.72 10.33
C ASN B 160 4.27 26.48 11.67
N ASP B 161 3.55 26.76 12.76
CA ASP B 161 4.14 26.82 14.08
C ASP B 161 3.65 25.67 14.95
N TYR B 162 4.55 25.13 15.77
CA TYR B 162 4.15 24.20 16.83
C TYR B 162 3.67 24.98 18.04
N GLY B 163 2.50 24.60 18.56
CA GLY B 163 2.01 25.16 19.81
C GLY B 163 2.24 24.23 20.98
N PHE B 164 3.24 24.51 21.79
CA PHE B 164 3.66 23.62 22.89
C PHE B 164 3.20 24.22 24.22
N TYR B 165 2.07 23.74 24.71
CA TYR B 165 1.53 24.11 26.02
C TYR B 165 1.91 23.04 27.04
N THR B 166 1.50 23.25 28.29
CA THR B 166 1.77 22.23 29.29
C THR B 166 0.65 21.23 29.45
N THR B 167 -0.58 21.56 29.03
CA THR B 167 -1.73 20.70 29.30
C THR B 167 -1.88 19.53 28.33
N THR B 168 -1.20 19.58 27.19
CA THR B 168 -1.36 18.56 26.15
C THR B 168 -0.53 17.32 26.47
N GLY B 169 -0.96 16.19 25.92
CA GLY B 169 -0.26 14.94 26.13
C GLY B 169 1.10 14.92 25.46
N ILE B 170 1.84 13.83 25.68
CA ILE B 170 3.19 13.72 25.12
C ILE B 170 3.19 13.63 23.61
N GLY B 171 2.03 13.38 23.00
CA GLY B 171 1.94 13.45 21.54
C GLY B 171 2.12 14.85 20.99
N TYR B 172 1.72 15.86 21.77
CA TYR B 172 1.91 17.26 21.41
C TYR B 172 3.06 17.89 22.16
N GLN B 173 3.78 17.14 22.84
CA GLN B 173 4.83 17.76 23.62
C GLN B 173 6.14 17.77 22.84
N PRO B 174 6.99 18.76 23.09
CA PRO B 174 8.24 18.86 22.32
C PRO B 174 9.23 17.77 22.72
N TYR B 175 9.77 17.09 21.71
CA TYR B 175 10.89 16.18 21.86
C TYR B 175 12.04 16.72 21.04
N ARG B 176 13.25 16.62 21.59
CA ARG B 176 14.45 17.12 20.94
C ARG B 176 15.18 15.93 20.34
N VAL B 177 15.24 15.89 19.01
CA VAL B 177 15.71 14.73 18.26
C VAL B 177 17.15 14.97 17.82
N VAL B 178 17.96 13.91 17.85
CA VAL B 178 19.31 13.94 17.30
C VAL B 178 19.50 12.67 16.46
N VAL B 179 19.70 12.85 15.16
CA VAL B 179 19.84 11.76 14.22
C VAL B 179 21.32 11.59 13.89
N LEU B 180 21.78 10.35 13.82
CA LEU B 180 23.20 10.07 13.66
C LEU B 180 23.43 9.39 12.31
N SER B 181 24.30 9.98 11.49
CA SER B 181 24.72 9.45 10.21
C SER B 181 26.20 9.12 10.26
N PHE B 182 26.65 8.33 9.29
CA PHE B 182 28.03 7.85 9.27
C PHE B 182 28.65 8.10 7.90
N GLU B 183 29.90 7.70 7.77
CA GLU B 183 30.66 7.81 6.53
C GLU B 183 31.93 6.99 6.66
N LEU B 184 32.28 6.26 5.61
CA LEU B 184 33.50 5.48 5.59
C LEU B 184 34.30 5.61 4.30
N LEU B 185 33.69 6.01 3.18
CA LEU B 185 34.34 5.95 1.87
C LEU B 185 35.73 6.56 1.87
N ASN B 186 35.96 7.59 2.68
CA ASN B 186 37.30 8.14 2.84
C ASN B 186 38.25 7.05 3.30
N ALA B 187 39.24 6.72 2.48
CA ALA B 187 40.17 5.64 2.81
C ALA B 187 40.78 5.75 4.20
N PRO B 188 41.21 6.93 4.71
CA PRO B 188 41.57 7.01 6.13
C PRO B 188 40.37 7.31 7.01
N ALA B 189 40.12 6.48 8.02
CA ALA B 189 39.03 6.67 8.96
C ALA B 189 39.54 7.35 10.23
N THR B 190 38.71 8.22 10.81
CA THR B 190 39.12 9.03 11.96
C THR B 190 38.29 8.82 13.21
N VAL B 191 37.01 8.47 13.10
CA VAL B 191 36.13 8.26 14.25
C VAL B 191 36.07 6.77 14.53
N CYS B 192 36.80 6.32 15.54
CA CYS B 192 36.85 4.89 15.89
C CYS B 192 36.27 4.66 17.27
N GLY B 193 36.11 3.38 17.59
CA GLY B 193 35.73 2.95 18.91
C GLY B 193 36.93 2.77 19.82
N PRO B 194 36.67 2.35 21.06
CA PRO B 194 37.70 2.07 22.07
C PRO B 194 38.71 1.02 21.60
N THR C 1 46.13 -19.89 2.98
CA THR C 1 45.14 -20.67 3.71
C THR C 1 44.19 -21.38 2.75
N ASN C 2 43.19 -22.07 3.29
CA ASN C 2 42.22 -22.78 2.48
C ASN C 2 41.30 -21.80 1.74
N LEU C 3 40.90 -22.18 0.53
CA LEU C 3 40.01 -21.39 -0.31
C LEU C 3 38.58 -21.90 -0.18
N CYS C 4 37.60 -21.01 -0.41
CA CYS C 4 36.24 -21.45 -0.19
C CYS C 4 35.75 -22.32 -1.36
N PRO C 5 35.08 -23.45 -1.06
CA PRO C 5 34.59 -24.37 -2.10
C PRO C 5 33.29 -23.88 -2.71
N PHE C 6 33.41 -22.81 -3.52
CA PHE C 6 32.23 -22.22 -4.14
C PHE C 6 31.78 -23.03 -5.34
N GLY C 7 32.72 -23.39 -6.22
CA GLY C 7 32.36 -24.14 -7.43
C GLY C 7 31.59 -25.41 -7.11
N GLU C 8 31.79 -25.95 -5.91
CA GLU C 8 31.00 -27.10 -5.47
C GLU C 8 29.51 -26.78 -5.37
N VAL C 9 29.14 -25.50 -5.24
CA VAL C 9 27.74 -25.13 -5.11
C VAL C 9 27.20 -24.59 -6.42
N PHE C 10 28.05 -23.90 -7.18
CA PHE C 10 27.64 -23.25 -8.43
C PHE C 10 27.76 -24.18 -9.63
N ASN C 11 28.88 -24.87 -9.76
CA ASN C 11 29.04 -25.85 -10.83
C ASN C 11 28.39 -27.19 -10.48
N ALA C 12 27.49 -27.18 -9.50
CA ALA C 12 26.78 -28.41 -9.11
C ALA C 12 25.80 -28.84 -10.19
N THR C 13 25.83 -30.15 -10.50
CA THR C 13 25.01 -30.71 -11.57
C THR C 13 23.54 -30.79 -11.18
N LYS C 14 23.25 -30.91 -9.88
CA LYS C 14 21.91 -31.14 -9.36
C LYS C 14 21.47 -29.96 -8.50
N PHE C 15 20.26 -29.46 -8.75
CA PHE C 15 19.66 -28.39 -7.97
C PHE C 15 18.28 -28.85 -7.49
N PRO C 16 17.89 -28.50 -6.27
CA PRO C 16 16.58 -28.93 -5.76
C PRO C 16 15.48 -27.95 -6.17
N SER C 17 14.23 -28.40 -6.03
CA SER C 17 13.09 -27.52 -6.20
C SER C 17 13.07 -26.47 -5.08
N VAL C 18 12.20 -25.47 -5.22
CA VAL C 18 12.21 -24.36 -4.28
C VAL C 18 11.68 -24.79 -2.91
N TYR C 19 10.56 -25.53 -2.89
CA TYR C 19 9.98 -25.92 -1.61
C TYR C 19 10.92 -26.81 -0.80
N ALA C 20 11.76 -27.58 -1.49
CA ALA C 20 12.73 -28.47 -0.86
C ALA C 20 14.13 -27.91 -0.95
N TRP C 21 14.27 -26.59 -0.79
CA TRP C 21 15.56 -25.94 -0.92
C TRP C 21 16.55 -26.47 0.10
N GLU C 22 17.82 -26.43 -0.26
CA GLU C 22 18.90 -26.94 0.57
C GLU C 22 19.89 -25.84 0.86
N ARG C 23 20.54 -25.94 2.02
CA ARG C 23 21.48 -24.94 2.49
C ARG C 23 22.81 -25.61 2.76
N LYS C 24 23.88 -25.04 2.21
CA LYS C 24 25.23 -25.55 2.38
C LYS C 24 26.01 -24.62 3.28
N LYS C 25 26.53 -25.15 4.38
CA LYS C 25 27.31 -24.36 5.33
C LYS C 25 28.75 -24.27 4.85
N ILE C 26 29.29 -23.06 4.81
CA ILE C 26 30.67 -22.80 4.41
C ILE C 26 31.44 -22.33 5.63
N SER C 27 32.62 -22.93 5.86
CA SER C 27 33.41 -22.58 7.04
C SER C 27 34.88 -22.76 6.76
N ASN C 28 35.70 -22.01 7.51
CA ASN C 28 37.16 -22.14 7.53
C ASN C 28 37.78 -21.96 6.14
N CYS C 29 37.59 -20.76 5.59
CA CYS C 29 38.15 -20.42 4.28
C CYS C 29 38.13 -18.91 4.11
N VAL C 30 38.85 -18.45 3.09
CA VAL C 30 38.89 -17.04 2.73
C VAL C 30 38.15 -16.87 1.40
N ALA C 31 37.01 -16.19 1.44
CA ALA C 31 36.18 -15.98 0.26
C ALA C 31 36.52 -14.64 -0.37
N ASP C 32 36.90 -14.66 -1.64
CA ASP C 32 37.18 -13.44 -2.39
C ASP C 32 35.97 -13.23 -3.31
N TYR C 33 34.98 -12.51 -2.81
CA TYR C 33 33.75 -12.26 -3.55
C TYR C 33 33.94 -11.33 -4.74
N SER C 34 35.09 -10.65 -4.83
CA SER C 34 35.33 -9.74 -5.94
C SER C 34 35.42 -10.50 -7.26
N VAL C 35 36.02 -11.69 -7.24
CA VAL C 35 36.14 -12.47 -8.46
C VAL C 35 34.77 -12.93 -8.95
N LEU C 36 33.80 -13.06 -8.05
CA LEU C 36 32.48 -13.53 -8.43
C LEU C 36 31.69 -12.43 -9.14
N TYR C 37 31.69 -11.22 -8.57
CA TYR C 37 30.96 -10.10 -9.16
C TYR C 37 31.49 -9.74 -10.54
N ASN C 38 32.79 -9.95 -10.78
CA ASN C 38 33.40 -9.69 -12.08
C ASN C 38 33.18 -10.81 -13.09
N SER C 39 32.40 -11.85 -12.76
CA SER C 39 32.17 -12.99 -13.64
C SER C 39 30.78 -12.95 -14.26
N THR C 40 30.69 -13.32 -15.53
CA THR C 40 29.43 -13.32 -16.27
C THR C 40 28.61 -14.59 -16.06
N PHE C 41 29.02 -15.46 -15.14
CA PHE C 41 28.29 -16.70 -14.96
C PHE C 41 26.87 -16.45 -14.47
N PHE C 42 26.67 -15.41 -13.67
CA PHE C 42 25.35 -15.05 -13.18
C PHE C 42 24.80 -13.88 -13.98
N SER C 43 23.57 -14.02 -14.47
CA SER C 43 22.91 -12.89 -15.09
C SER C 43 22.34 -11.92 -14.05
N THR C 44 21.96 -12.44 -12.87
CA THR C 44 21.40 -11.65 -11.78
C THR C 44 22.27 -11.83 -10.55
N PHE C 45 22.79 -10.74 -10.02
CA PHE C 45 23.63 -10.77 -8.80
C PHE C 45 23.25 -9.53 -7.99
N LYS C 46 22.27 -9.68 -7.11
CA LYS C 46 21.72 -8.57 -6.33
C LYS C 46 22.10 -8.75 -4.87
N CYS C 47 22.70 -7.72 -4.30
CA CYS C 47 23.08 -7.73 -2.88
C CYS C 47 22.25 -6.70 -2.14
N TYR C 48 21.70 -7.11 -1.00
CA TYR C 48 20.84 -6.27 -0.18
C TYR C 48 21.55 -5.92 1.12
N GLY C 49 21.49 -4.65 1.50
CA GLY C 49 22.07 -4.23 2.76
C GLY C 49 23.59 -4.26 2.83
N VAL C 50 24.28 -4.56 1.73
CA VAL C 50 25.74 -4.61 1.74
C VAL C 50 26.25 -4.55 0.30
N SER C 51 27.43 -3.95 0.13
CA SER C 51 28.09 -3.87 -1.16
C SER C 51 29.04 -5.04 -1.34
N ALA C 52 29.04 -5.64 -2.54
CA ALA C 52 29.85 -6.82 -2.78
C ALA C 52 31.35 -6.50 -2.77
N THR C 53 31.73 -5.27 -3.10
CA THR C 53 33.15 -4.94 -3.13
C THR C 53 33.76 -4.99 -1.72
N LYS C 54 33.01 -4.53 -0.71
CA LYS C 54 33.51 -4.49 0.67
C LYS C 54 33.36 -5.80 1.42
N LEU C 55 32.66 -6.79 0.85
CA LEU C 55 32.57 -8.09 1.52
C LEU C 55 33.92 -8.77 1.64
N ASN C 56 34.85 -8.46 0.73
CA ASN C 56 36.19 -9.06 0.73
C ASN C 56 37.03 -8.66 1.94
N ASP C 57 36.60 -7.67 2.72
CA ASP C 57 37.33 -7.20 3.90
C ASP C 57 36.52 -7.43 5.16
N LEU C 58 35.87 -8.59 5.25
CA LEU C 58 34.97 -8.88 6.36
C LEU C 58 35.13 -10.34 6.76
N CYS C 59 34.97 -10.60 8.07
CA CYS C 59 35.03 -11.94 8.62
C CYS C 59 33.64 -12.43 8.98
N PHE C 60 33.46 -13.74 8.98
CA PHE C 60 32.20 -14.36 9.35
C PHE C 60 32.50 -15.71 10.00
N SER C 61 31.55 -16.18 10.82
CA SER C 61 31.68 -17.50 11.43
C SER C 61 31.40 -18.59 10.41
N ASN C 62 30.19 -18.61 9.84
CA ASN C 62 29.81 -19.57 8.82
C ASN C 62 28.92 -18.86 7.80
N VAL C 63 29.00 -19.31 6.55
CA VAL C 63 28.24 -18.72 5.44
C VAL C 63 27.27 -19.77 4.92
N TYR C 64 26.03 -19.37 4.69
CA TYR C 64 24.96 -20.26 4.26
C TYR C 64 24.53 -19.96 2.83
N ALA C 65 24.30 -21.01 2.04
CA ALA C 65 23.91 -20.89 0.64
C ALA C 65 22.67 -21.73 0.35
N ASP C 66 21.55 -21.07 0.08
CA ASP C 66 20.31 -21.74 -0.27
C ASP C 66 20.19 -21.84 -1.79
N SER C 67 20.18 -23.07 -2.30
CA SER C 67 20.09 -23.33 -3.73
C SER C 67 18.71 -23.87 -4.08
N PHE C 68 18.13 -23.36 -5.16
CA PHE C 68 16.83 -23.82 -5.66
C PHE C 68 16.63 -23.21 -7.05
N VAL C 69 15.51 -23.57 -7.68
CA VAL C 69 15.25 -23.24 -9.08
C VAL C 69 13.80 -22.86 -9.27
N VAL C 70 13.56 -21.68 -9.88
CA VAL C 70 12.24 -21.21 -10.27
C VAL C 70 12.35 -20.48 -11.60
N LYS C 71 11.20 -20.08 -12.14
CA LYS C 71 11.15 -19.38 -13.42
C LYS C 71 11.43 -17.89 -13.24
N GLY C 72 11.54 -17.20 -14.38
CA GLY C 72 11.92 -15.79 -14.34
C GLY C 72 10.93 -14.94 -13.58
N ASP C 73 9.65 -15.05 -13.94
CA ASP C 73 8.60 -14.24 -13.32
C ASP C 73 8.51 -14.48 -11.81
N ASP C 74 9.11 -15.55 -11.31
CA ASP C 74 9.11 -15.82 -9.88
C ASP C 74 10.46 -15.52 -9.23
N VAL C 75 11.43 -15.02 -9.99
CA VAL C 75 12.70 -14.66 -9.36
C VAL C 75 12.52 -13.38 -8.54
N ARG C 76 11.63 -12.49 -8.98
CA ARG C 76 11.42 -11.24 -8.27
C ARG C 76 10.94 -11.43 -6.84
N GLN C 77 10.31 -12.57 -6.53
CA GLN C 77 9.84 -12.82 -5.18
C GLN C 77 10.94 -13.20 -4.20
N ILE C 78 12.16 -13.41 -4.67
CA ILE C 78 13.30 -13.66 -3.77
C ILE C 78 13.86 -12.27 -3.46
N ALA C 79 13.23 -11.61 -2.49
CA ALA C 79 13.56 -10.23 -2.10
C ALA C 79 12.82 -9.85 -0.82
N PRO C 80 13.39 -8.97 0.00
CA PRO C 80 12.66 -8.52 1.20
C PRO C 80 11.35 -7.85 0.82
N GLY C 81 10.34 -8.05 1.67
CA GLY C 81 9.04 -7.45 1.47
C GLY C 81 8.26 -7.98 0.28
N GLN C 82 8.78 -8.96 -0.44
CA GLN C 82 8.10 -9.49 -1.62
C GLN C 82 7.14 -10.61 -1.22
N THR C 83 5.96 -10.59 -1.82
CA THR C 83 4.93 -11.61 -1.65
C THR C 83 4.78 -12.44 -2.90
N GLY C 84 3.88 -13.41 -2.85
CA GLY C 84 3.61 -14.32 -3.96
C GLY C 84 3.75 -15.77 -3.56
N VAL C 85 3.28 -16.63 -4.46
CA VAL C 85 3.15 -18.05 -4.15
C VAL C 85 4.48 -18.64 -3.71
N ILE C 86 5.56 -18.35 -4.43
CA ILE C 86 6.86 -18.86 -4.02
C ILE C 86 7.34 -18.19 -2.74
N ALA C 87 7.10 -16.89 -2.58
CA ALA C 87 7.61 -16.21 -1.40
C ALA C 87 6.76 -16.49 -0.17
N ASP C 88 5.45 -16.61 -0.36
CA ASP C 88 4.56 -16.89 0.78
C ASP C 88 4.72 -18.31 1.28
N TYR C 89 4.78 -19.29 0.38
CA TYR C 89 4.65 -20.68 0.78
C TYR C 89 5.91 -21.51 0.57
N ASN C 90 6.89 -21.00 -0.17
CA ASN C 90 8.06 -21.81 -0.51
C ASN C 90 9.35 -21.27 0.09
N TYR C 91 9.59 -19.98 -0.01
CA TYR C 91 10.83 -19.40 0.49
C TYR C 91 10.61 -17.93 0.80
N LYS C 92 10.56 -17.60 2.09
CA LYS C 92 10.32 -16.23 2.52
C LYS C 92 11.62 -15.63 3.04
N LEU C 93 11.92 -14.38 2.58
CA LEU C 93 13.03 -13.55 2.98
C LEU C 93 12.57 -12.48 3.97
N PRO C 94 13.42 -12.17 4.95
CA PRO C 94 13.07 -11.12 5.92
C PRO C 94 13.23 -9.73 5.33
N ASP C 95 12.38 -8.80 5.82
CA ASP C 95 12.46 -7.42 5.34
C ASP C 95 13.80 -6.79 5.69
N ASP C 96 14.40 -7.23 6.80
CA ASP C 96 15.72 -6.78 7.22
C ASP C 96 16.84 -7.69 6.71
N PHE C 97 16.64 -8.35 5.58
CA PHE C 97 17.62 -9.29 5.06
C PHE C 97 18.92 -8.58 4.68
N MET C 98 20.04 -9.29 4.86
CA MET C 98 21.36 -8.79 4.52
C MET C 98 22.17 -9.90 3.85
N GLY C 99 22.22 -9.86 2.53
CA GLY C 99 22.96 -10.86 1.78
C GLY C 99 22.84 -10.58 0.30
N CYS C 100 23.13 -11.60 -0.50
CA CYS C 100 23.16 -11.46 -1.95
C CYS C 100 22.35 -12.58 -2.60
N VAL C 101 21.80 -12.28 -3.77
CA VAL C 101 21.03 -13.24 -4.54
C VAL C 101 21.71 -13.41 -5.90
N LEU C 102 21.91 -14.66 -6.30
CA LEU C 102 22.60 -14.98 -7.54
C LEU C 102 21.71 -15.92 -8.35
N ALA C 103 21.69 -15.72 -9.67
CA ALA C 103 20.83 -16.52 -10.53
C ALA C 103 21.40 -16.49 -11.95
N TRP C 104 20.97 -17.46 -12.75
CA TRP C 104 21.39 -17.54 -14.14
C TRP C 104 20.45 -18.48 -14.88
N ASN C 105 20.28 -18.22 -16.17
CA ASN C 105 19.33 -19.00 -16.96
C ASN C 105 19.89 -20.37 -17.26
N THR C 106 19.02 -21.38 -17.17
CA THR C 106 19.37 -22.78 -17.40
C THR C 106 18.30 -23.46 -18.25
N ARG C 107 17.92 -22.81 -19.36
CA ARG C 107 17.02 -23.46 -20.31
C ARG C 107 17.71 -24.60 -21.04
N ASN C 108 19.02 -24.45 -21.31
CA ASN C 108 19.76 -25.51 -21.99
C ASN C 108 19.84 -26.79 -21.17
N ILE C 109 19.71 -26.71 -19.85
CA ILE C 109 19.87 -27.89 -19.00
C ILE C 109 18.59 -28.30 -18.30
N ASP C 110 17.60 -27.41 -18.17
CA ASP C 110 16.39 -27.76 -17.42
C ASP C 110 15.10 -27.69 -18.26
N ALA C 111 15.20 -27.50 -19.57
CA ALA C 111 14.04 -27.43 -20.45
C ALA C 111 14.13 -28.45 -21.58
N THR C 112 13.00 -29.09 -21.89
CA THR C 112 12.89 -30.03 -23.01
C THR C 112 11.64 -29.69 -23.82
N SER C 113 11.67 -30.08 -25.10
CA SER C 113 10.52 -29.84 -25.97
C SER C 113 9.27 -30.59 -25.53
N THR C 114 9.43 -31.66 -24.72
CA THR C 114 8.31 -32.40 -24.19
C THR C 114 7.74 -31.80 -22.91
N GLY C 115 8.54 -31.02 -22.16
CA GLY C 115 8.11 -30.45 -20.90
C GLY C 115 8.75 -31.09 -19.68
N ASN C 116 9.52 -30.31 -18.93
CA ASN C 116 10.21 -30.78 -17.73
C ASN C 116 9.37 -30.42 -16.51
N HIS C 117 8.56 -31.36 -16.05
CA HIS C 117 7.70 -31.13 -14.89
C HIS C 117 8.32 -31.68 -13.60
N ASN C 118 9.61 -32.02 -13.63
CA ASN C 118 10.27 -32.52 -12.42
C ASN C 118 10.40 -31.44 -11.34
N TYR C 119 10.36 -30.16 -11.70
CA TYR C 119 10.53 -29.07 -10.74
C TYR C 119 9.17 -28.66 -10.18
N LYS C 120 9.02 -28.74 -8.86
CA LYS C 120 7.76 -28.47 -8.19
C LYS C 120 7.91 -27.30 -7.23
N TYR C 121 6.78 -26.66 -6.95
CA TYR C 121 6.72 -25.58 -5.96
C TYR C 121 5.40 -25.69 -5.20
N ARG C 122 5.38 -25.20 -3.96
CA ARG C 122 4.17 -25.26 -3.16
C ARG C 122 3.28 -24.06 -3.43
N TYR C 123 1.99 -24.32 -3.63
CA TYR C 123 1.01 -23.27 -3.84
C TYR C 123 -0.10 -23.30 -2.81
N LEU C 124 -0.06 -24.23 -1.85
CA LEU C 124 -1.08 -24.30 -0.82
C LEU C 124 -0.44 -24.63 0.51
N ARG C 125 -0.84 -23.89 1.55
CA ARG C 125 -0.32 -24.08 2.90
C ARG C 125 -1.29 -23.42 3.86
N HIS C 126 -1.28 -23.89 5.11
CA HIS C 126 -2.10 -23.30 6.16
C HIS C 126 -1.24 -22.26 6.88
N GLY C 127 -1.29 -21.03 6.38
CA GLY C 127 -0.46 -19.99 6.93
C GLY C 127 0.81 -19.81 6.14
N LYS C 128 1.33 -18.59 6.15
CA LYS C 128 2.53 -18.27 5.41
C LYS C 128 3.77 -18.74 6.19
N LEU C 129 4.94 -18.57 5.59
CA LEU C 129 6.20 -19.04 6.14
C LEU C 129 6.90 -17.98 6.97
N ARG C 130 7.59 -18.42 8.01
CA ARG C 130 8.54 -17.58 8.70
C ARG C 130 9.76 -17.35 7.82
N PRO C 131 10.57 -16.34 8.12
CA PRO C 131 11.87 -16.23 7.42
C PRO C 131 12.68 -17.50 7.64
N PHE C 132 13.17 -18.07 6.53
CA PHE C 132 13.96 -19.30 6.47
C PHE C 132 13.16 -20.53 6.89
N GLU C 133 11.84 -20.45 6.95
CA GLU C 133 11.03 -21.63 7.26
C GLU C 133 10.90 -22.51 6.03
N ARG C 134 10.85 -23.82 6.28
CA ARG C 134 10.92 -24.84 5.23
C ARG C 134 9.87 -25.89 5.52
N ASP C 135 8.85 -25.99 4.66
CA ASP C 135 7.79 -26.98 4.80
C ASP C 135 7.93 -27.96 3.63
N ILE C 136 8.58 -29.09 3.87
CA ILE C 136 8.72 -30.09 2.82
C ILE C 136 7.69 -31.20 2.96
N SER C 137 6.68 -31.02 3.80
CA SER C 137 5.59 -31.98 3.90
C SER C 137 4.80 -32.01 2.60
N ASN C 138 4.20 -33.15 2.32
CA ASN C 138 3.42 -33.35 1.10
C ASN C 138 2.06 -33.93 1.43
N VAL C 139 1.41 -33.37 2.44
CA VAL C 139 0.13 -33.86 2.93
C VAL C 139 -0.98 -33.11 2.20
N PRO C 140 -2.04 -33.82 1.77
CA PRO C 140 -3.14 -33.16 1.04
C PRO C 140 -3.76 -32.02 1.83
N PHE C 141 -3.75 -30.84 1.23
CA PHE C 141 -4.30 -29.64 1.86
C PHE C 141 -5.82 -29.72 1.93
N SER C 142 -6.38 -29.13 3.00
CA SER C 142 -7.81 -29.00 3.18
C SER C 142 -8.10 -27.65 3.82
N PRO C 143 -9.13 -26.95 3.35
CA PRO C 143 -9.48 -25.65 3.96
C PRO C 143 -10.00 -25.78 5.39
N ASP C 144 -10.91 -26.74 5.59
CA ASP C 144 -11.50 -26.98 6.91
C ASP C 144 -10.50 -27.49 7.93
N GLY C 145 -9.29 -27.86 7.52
CA GLY C 145 -8.32 -28.47 8.40
C GLY C 145 -8.46 -29.96 8.57
N LYS C 146 -9.63 -30.53 8.28
CA LYS C 146 -9.83 -31.96 8.43
C LYS C 146 -9.00 -32.73 7.40
N PRO C 147 -8.18 -33.68 7.82
CA PRO C 147 -7.37 -34.43 6.85
C PRO C 147 -8.24 -35.24 5.91
N CYS C 148 -7.97 -35.11 4.62
CA CYS C 148 -8.67 -35.87 3.59
C CYS C 148 -7.68 -36.49 2.61
N THR C 149 -8.01 -37.69 2.13
CA THR C 149 -7.34 -38.33 0.99
C THR C 149 -7.94 -37.92 -0.36
N PRO C 150 -9.25 -38.08 -0.59
CA PRO C 150 -9.79 -38.03 -1.97
C PRO C 150 -9.55 -36.68 -2.61
N PRO C 151 -8.91 -36.65 -3.79
CA PRO C 151 -8.67 -35.37 -4.46
C PRO C 151 -9.84 -34.80 -5.23
N ALA C 152 -11.07 -35.22 -4.93
CA ALA C 152 -12.22 -34.75 -5.70
C ALA C 152 -12.75 -33.40 -5.21
N LEU C 153 -13.36 -33.37 -4.02
CA LEU C 153 -13.91 -32.14 -3.48
C LEU C 153 -13.04 -31.54 -2.37
N ASN C 154 -12.85 -30.22 -2.45
CA ASN C 154 -12.24 -29.41 -1.39
C ASN C 154 -10.96 -30.04 -0.83
N CYS C 155 -10.30 -30.89 -1.60
CA CYS C 155 -9.06 -31.49 -1.14
C CYS C 155 -8.10 -31.47 -2.32
N TYR C 156 -6.99 -30.74 -2.15
CA TYR C 156 -6.07 -30.48 -3.24
C TYR C 156 -4.67 -30.91 -2.84
N TRP C 157 -3.85 -31.18 -3.84
CA TRP C 157 -2.46 -31.48 -3.51
C TRP C 157 -1.72 -30.15 -3.27
N PRO C 158 -0.71 -30.15 -2.40
CA PRO C 158 -0.07 -28.87 -2.05
C PRO C 158 0.98 -28.42 -3.05
N LEU C 159 1.57 -29.32 -3.82
CA LEU C 159 2.63 -28.98 -4.74
C LEU C 159 2.08 -28.88 -6.16
N ASN C 160 2.66 -27.98 -6.94
CA ASN C 160 2.36 -27.89 -8.37
C ASN C 160 3.69 -27.89 -9.12
N ASP C 161 3.62 -28.10 -10.43
CA ASP C 161 4.79 -28.34 -11.25
C ASP C 161 5.03 -27.17 -12.21
N TYR C 162 6.30 -26.88 -12.43
CA TYR C 162 6.70 -25.98 -13.51
C TYR C 162 6.82 -26.75 -14.82
N GLY C 163 6.19 -26.23 -15.87
CA GLY C 163 6.38 -26.80 -17.19
C GLY C 163 7.37 -26.00 -18.00
N PHE C 164 8.61 -26.47 -18.11
CA PHE C 164 9.71 -25.72 -18.73
C PHE C 164 10.04 -26.27 -20.12
N TYR C 165 9.54 -25.60 -21.16
CA TYR C 165 9.87 -25.90 -22.54
C TYR C 165 10.92 -24.89 -23.03
N THR C 166 11.36 -25.07 -24.27
CA THR C 166 12.33 -24.17 -24.89
C THR C 166 11.67 -23.05 -25.66
N THR C 167 10.38 -23.19 -26.01
CA THR C 167 9.69 -22.22 -26.85
C THR C 167 9.21 -20.99 -26.07
N THR C 168 9.16 -21.05 -24.74
CA THR C 168 8.67 -19.94 -23.93
C THR C 168 9.78 -18.91 -23.70
N GLY C 169 9.36 -17.67 -23.44
CA GLY C 169 10.30 -16.60 -23.16
C GLY C 169 10.99 -16.76 -21.81
N ILE C 170 11.94 -15.87 -21.54
CA ILE C 170 12.72 -15.92 -20.30
C ILE C 170 11.89 -15.63 -19.06
N GLY C 171 10.67 -15.13 -19.21
CA GLY C 171 9.77 -15.04 -18.08
C GLY C 171 9.33 -16.40 -17.59
N TYR C 172 9.29 -17.38 -18.49
CA TYR C 172 8.93 -18.75 -18.14
C TYR C 172 10.15 -19.68 -18.11
N GLN C 173 11.34 -19.17 -18.21
CA GLN C 173 12.46 -20.09 -18.28
C GLN C 173 13.07 -20.35 -16.90
N PRO C 174 13.62 -21.54 -16.68
CA PRO C 174 14.16 -21.87 -15.35
C PRO C 174 15.48 -21.14 -15.08
N TYR C 175 15.57 -20.55 -13.89
CA TYR C 175 16.80 -19.95 -13.39
C TYR C 175 17.24 -20.67 -12.12
N ARG C 176 18.55 -20.80 -11.95
CA ARG C 176 19.12 -21.48 -10.79
C ARG C 176 19.62 -20.43 -9.81
N VAL C 177 18.99 -20.38 -8.63
CA VAL C 177 19.18 -19.31 -7.65
C VAL C 177 20.12 -19.79 -6.56
N VAL C 178 20.99 -18.90 -6.09
CA VAL C 178 21.83 -19.15 -4.92
C VAL C 178 21.74 -17.91 -4.04
N VAL C 179 21.14 -18.08 -2.86
CA VAL C 179 20.93 -17.01 -1.89
C VAL C 179 21.94 -17.19 -0.76
N LEU C 180 22.55 -16.09 -0.33
CA LEU C 180 23.58 -16.14 0.70
C LEU C 180 23.11 -15.36 1.92
N SER C 181 23.10 -16.01 3.09
CA SER C 181 22.72 -15.37 4.34
C SER C 181 23.91 -15.30 5.28
N PHE C 182 23.73 -14.55 6.36
CA PHE C 182 24.79 -14.42 7.37
C PHE C 182 24.19 -14.32 8.78
N ALA C 189 34.17 -16.84 13.78
CA ALA C 189 34.83 -16.08 12.72
C ALA C 189 35.80 -16.95 11.91
N THR C 190 35.29 -17.64 10.87
CA THR C 190 36.07 -18.54 10.04
C THR C 190 36.14 -18.13 8.56
N VAL C 191 35.11 -17.45 8.03
CA VAL C 191 35.11 -16.98 6.64
C VAL C 191 35.53 -15.52 6.67
N CYS C 192 36.80 -15.28 6.37
CA CYS C 192 37.41 -13.95 6.43
C CYS C 192 37.90 -13.51 5.07
N GLY C 193 38.40 -12.27 5.02
CA GLY C 193 39.14 -11.80 3.89
C GLY C 193 40.60 -12.23 3.96
N PRO C 194 41.38 -11.78 2.97
CA PRO C 194 42.83 -12.09 2.89
C PRO C 194 43.65 -11.70 4.11
N THR D 1 -48.57 2.01 1.50
CA THR D 1 -49.33 2.88 2.39
C THR D 1 -48.68 3.00 3.77
N ASN D 2 -48.40 1.85 4.38
CA ASN D 2 -47.76 1.84 5.69
C ASN D 2 -46.32 2.33 5.57
N LEU D 3 -45.85 2.99 6.61
CA LEU D 3 -44.50 3.54 6.66
C LEU D 3 -43.56 2.58 7.38
N CYS D 4 -42.28 2.70 7.08
CA CYS D 4 -41.30 1.74 7.57
C CYS D 4 -41.05 1.95 9.07
N PRO D 5 -40.96 0.83 9.85
CA PRO D 5 -40.75 0.89 11.32
C PRO D 5 -39.30 1.18 11.69
N PHE D 6 -38.91 2.44 11.52
CA PHE D 6 -37.53 2.84 11.80
C PHE D 6 -37.30 3.02 13.29
N GLY D 7 -38.19 3.74 13.97
CA GLY D 7 -38.02 4.00 15.39
C GLY D 7 -37.88 2.75 16.23
N GLU D 8 -38.39 1.61 15.73
CA GLU D 8 -38.20 0.34 16.43
C GLU D 8 -36.73 -0.06 16.54
N VAL D 9 -35.87 0.47 15.68
CA VAL D 9 -34.46 0.11 15.71
C VAL D 9 -33.67 1.21 16.39
N PHE D 10 -34.14 2.45 16.26
CA PHE D 10 -33.46 3.62 16.80
C PHE D 10 -33.87 3.90 18.24
N ASN D 11 -35.16 3.84 18.54
CA ASN D 11 -35.66 3.93 19.91
C ASN D 11 -35.55 2.61 20.65
N ALA D 12 -34.75 1.67 20.14
CA ALA D 12 -34.59 0.37 20.80
C ALA D 12 -33.84 0.51 22.12
N THR D 13 -34.36 -0.17 23.15
CA THR D 13 -33.81 -0.01 24.49
C THR D 13 -32.46 -0.72 24.64
N LYS D 14 -32.28 -1.86 23.97
CA LYS D 14 -31.11 -2.70 24.16
C LYS D 14 -30.40 -2.89 22.81
N PHE D 15 -29.07 -2.80 22.81
CA PHE D 15 -28.27 -3.07 21.61
C PHE D 15 -27.24 -4.16 21.85
N PRO D 16 -26.98 -5.01 20.86
CA PRO D 16 -26.04 -6.13 21.04
C PRO D 16 -24.59 -5.72 20.77
N SER D 17 -23.68 -6.59 21.19
CA SER D 17 -22.28 -6.41 20.88
C SER D 17 -22.06 -6.51 19.38
N VAL D 18 -20.85 -6.17 18.95
CA VAL D 18 -20.58 -6.11 17.51
C VAL D 18 -20.54 -7.51 16.90
N TYR D 19 -19.85 -8.44 17.57
CA TYR D 19 -19.68 -9.78 17.00
C TYR D 19 -21.02 -10.49 16.83
N ALA D 20 -22.00 -10.16 17.67
CA ALA D 20 -23.35 -10.73 17.62
C ALA D 20 -24.34 -9.75 17.00
N TRP D 21 -23.91 -9.02 15.98
CA TRP D 21 -24.76 -8.00 15.37
C TRP D 21 -26.06 -8.60 14.84
N GLU D 22 -27.11 -7.78 14.82
CA GLU D 22 -28.44 -8.24 14.44
C GLU D 22 -28.94 -7.45 13.23
N ARG D 23 -29.74 -8.13 12.40
CA ARG D 23 -30.26 -7.55 11.17
C ARG D 23 -31.78 -7.69 11.15
N LYS D 24 -32.47 -6.57 10.93
CA LYS D 24 -33.92 -6.57 10.79
C LYS D 24 -34.28 -6.25 9.35
N LYS D 25 -35.09 -7.12 8.74
CA LYS D 25 -35.50 -6.97 7.34
C LYS D 25 -36.70 -6.02 7.24
N ILE D 26 -36.60 -5.05 6.34
CA ILE D 26 -37.65 -4.07 6.10
C ILE D 26 -38.29 -4.34 4.74
N SER D 27 -39.61 -4.43 4.72
CA SER D 27 -40.32 -4.74 3.48
C SER D 27 -41.72 -4.14 3.52
N ASN D 28 -42.25 -3.87 2.33
CA ASN D 28 -43.64 -3.45 2.14
C ASN D 28 -43.96 -2.20 2.96
N CYS D 29 -43.21 -1.12 2.65
CA CYS D 29 -43.40 0.17 3.31
C CYS D 29 -42.73 1.26 2.48
N VAL D 30 -43.06 2.50 2.81
CA VAL D 30 -42.49 3.68 2.17
C VAL D 30 -41.55 4.34 3.17
N ALA D 31 -40.27 4.33 2.86
CA ALA D 31 -39.25 4.88 3.74
C ALA D 31 -39.00 6.33 3.37
N ASP D 32 -39.17 7.22 4.34
CA ASP D 32 -38.95 8.65 4.12
C ASP D 32 -37.59 9.00 4.72
N TYR D 33 -36.54 8.86 3.90
CA TYR D 33 -35.18 9.15 4.33
C TYR D 33 -34.92 10.64 4.47
N SER D 34 -35.83 11.50 4.00
CA SER D 34 -35.59 12.93 4.08
C SER D 34 -35.50 13.40 5.52
N VAL D 35 -36.36 12.88 6.41
CA VAL D 35 -36.33 13.28 7.80
C VAL D 35 -35.06 12.80 8.49
N LEU D 36 -34.42 11.75 7.97
CA LEU D 36 -33.29 11.15 8.65
C LEU D 36 -32.00 11.96 8.49
N TYR D 37 -31.62 12.32 7.25
CA TYR D 37 -30.40 13.09 7.09
C TYR D 37 -30.56 14.50 7.67
N ASN D 38 -31.79 15.04 7.68
CA ASN D 38 -32.08 16.35 8.26
C ASN D 38 -32.23 16.33 9.78
N SER D 39 -31.98 15.20 10.44
CA SER D 39 -32.11 15.12 11.89
C SER D 39 -30.73 15.13 12.53
N THR D 40 -30.60 15.89 13.62
CA THR D 40 -29.32 16.05 14.32
C THR D 40 -29.09 14.93 15.34
N PHE D 41 -29.95 13.91 15.38
CA PHE D 41 -29.77 12.82 16.34
C PHE D 41 -28.49 12.03 16.07
N PHE D 42 -28.09 11.92 14.81
CA PHE D 42 -26.88 11.20 14.44
C PHE D 42 -25.73 12.18 14.25
N SER D 43 -24.61 11.92 14.92
CA SER D 43 -23.41 12.69 14.67
C SER D 43 -22.69 12.22 13.40
N THR D 44 -22.82 10.93 13.05
CA THR D 44 -22.22 10.33 11.86
C THR D 44 -23.32 9.74 10.98
N PHE D 45 -23.39 10.18 9.73
CA PHE D 45 -24.35 9.66 8.75
C PHE D 45 -23.64 9.59 7.41
N LYS D 46 -23.01 8.45 7.12
CA LYS D 46 -22.20 8.29 5.93
C LYS D 46 -22.89 7.33 4.97
N CYS D 47 -23.07 7.76 3.71
CA CYS D 47 -23.65 6.94 2.66
C CYS D 47 -22.59 6.66 1.61
N TYR D 48 -22.45 5.40 1.23
CA TYR D 48 -21.42 5.01 0.28
C TYR D 48 -22.03 4.64 -1.06
N GLY D 49 -21.40 5.12 -2.13
CA GLY D 49 -21.86 4.84 -3.47
C GLY D 49 -23.16 5.50 -3.85
N VAL D 50 -23.74 6.33 -2.97
CA VAL D 50 -25.00 7.01 -3.24
C VAL D 50 -25.16 8.11 -2.21
N SER D 51 -25.85 9.19 -2.60
CA SER D 51 -26.21 10.26 -1.69
C SER D 51 -27.61 9.99 -1.15
N ALA D 52 -27.80 10.24 0.14
CA ALA D 52 -29.07 9.96 0.79
C ALA D 52 -30.22 10.82 0.25
N THR D 53 -29.90 11.96 -0.37
CA THR D 53 -30.97 12.81 -0.90
C THR D 53 -31.72 12.10 -2.02
N LYS D 54 -31.02 11.30 -2.82
CA LYS D 54 -31.61 10.61 -3.97
C LYS D 54 -32.29 9.29 -3.61
N LEU D 55 -32.15 8.80 -2.36
CA LEU D 55 -32.83 7.58 -1.96
C LEU D 55 -34.34 7.73 -2.00
N ASN D 56 -34.85 8.95 -1.84
CA ASN D 56 -36.28 9.21 -1.89
C ASN D 56 -36.88 8.99 -3.28
N ASP D 57 -36.04 8.78 -4.30
CA ASP D 57 -36.49 8.57 -5.67
C ASP D 57 -36.13 7.17 -6.17
N LEU D 58 -36.20 6.18 -5.28
CA LEU D 58 -35.84 4.81 -5.64
C LEU D 58 -36.72 3.81 -4.90
N CYS D 59 -36.98 2.69 -5.58
CA CYS D 59 -37.69 1.57 -5.00
C CYS D 59 -36.71 0.43 -4.77
N PHE D 60 -37.04 -0.45 -3.83
CA PHE D 60 -36.17 -1.57 -3.52
C PHE D 60 -37.03 -2.75 -3.09
N SER D 61 -36.45 -3.96 -3.18
CA SER D 61 -37.15 -5.15 -2.75
C SER D 61 -37.24 -5.21 -1.22
N ASN D 62 -36.09 -5.25 -0.55
CA ASN D 62 -36.03 -5.28 0.90
C ASN D 62 -34.82 -4.48 1.36
N VAL D 63 -34.95 -3.88 2.55
CA VAL D 63 -33.89 -3.09 3.16
C VAL D 63 -33.47 -3.76 4.46
N TYR D 64 -32.17 -3.91 4.66
CA TYR D 64 -31.62 -4.58 5.83
C TYR D 64 -30.88 -3.58 6.71
N ALA D 65 -31.06 -3.73 8.03
CA ALA D 65 -30.46 -2.83 9.02
C ALA D 65 -29.71 -3.66 10.04
N ASP D 66 -28.39 -3.55 10.04
CA ASP D 66 -27.53 -4.22 11.01
C ASP D 66 -27.23 -3.30 12.17
N SER D 67 -27.70 -3.68 13.36
CA SER D 67 -27.51 -2.89 14.57
C SER D 67 -26.45 -3.56 15.44
N PHE D 68 -25.56 -2.73 15.98
CA PHE D 68 -24.48 -3.19 16.85
C PHE D 68 -23.84 -1.95 17.46
N VAL D 69 -22.83 -2.17 18.29
CA VAL D 69 -22.23 -1.14 19.12
C VAL D 69 -20.72 -1.32 19.11
N VAL D 70 -19.99 -0.23 18.83
CA VAL D 70 -18.54 -0.19 18.96
C VAL D 70 -18.13 1.18 19.49
N LYS D 71 -16.85 1.31 19.81
CA LYS D 71 -16.28 2.57 20.26
C LYS D 71 -15.95 3.45 19.06
N GLY D 72 -15.52 4.68 19.34
CA GLY D 72 -15.30 5.65 18.28
C GLY D 72 -14.21 5.30 17.27
N ASP D 73 -13.00 5.05 17.75
CA ASP D 73 -11.88 4.76 16.84
C ASP D 73 -12.15 3.54 15.97
N ASP D 74 -13.16 2.75 16.32
CA ASP D 74 -13.53 1.58 15.55
C ASP D 74 -14.77 1.79 14.69
N VAL D 75 -15.37 2.99 14.70
CA VAL D 75 -16.50 3.23 13.79
C VAL D 75 -16.01 3.41 12.35
N ARG D 76 -14.81 3.99 12.16
CA ARG D 76 -14.29 4.16 10.81
C ARG D 76 -14.03 2.83 10.11
N GLN D 77 -13.87 1.74 10.87
CA GLN D 77 -13.69 0.42 10.27
C GLN D 77 -14.95 -0.15 9.67
N ILE D 78 -16.09 0.50 9.87
CA ILE D 78 -17.34 0.11 9.18
C ILE D 78 -17.34 0.90 7.87
N ALA D 79 -16.60 0.39 6.89
CA ALA D 79 -16.43 1.09 5.63
C ALA D 79 -15.75 0.22 4.57
N PRO D 80 -16.08 0.43 3.30
CA PRO D 80 -15.40 -0.31 2.23
C PRO D 80 -13.91 -0.04 2.23
N GLY D 81 -13.16 -1.07 1.86
CA GLY D 81 -11.72 -0.99 1.81
C GLY D 81 -11.03 -0.87 3.15
N GLN D 82 -11.78 -0.89 4.25
CA GLN D 82 -11.19 -0.76 5.57
C GLN D 82 -10.83 -2.13 6.14
N THR D 83 -9.64 -2.21 6.74
CA THR D 83 -9.17 -3.39 7.45
C THR D 83 -9.14 -3.08 8.95
N GLY D 84 -8.80 -4.09 9.74
CA GLY D 84 -8.75 -3.96 11.18
C GLY D 84 -9.62 -4.99 11.87
N VAL D 85 -9.40 -5.10 13.19
CA VAL D 85 -9.99 -6.18 13.98
C VAL D 85 -11.50 -6.20 13.85
N ILE D 86 -12.14 -5.03 13.85
CA ILE D 86 -13.60 -4.99 13.71
C ILE D 86 -14.01 -5.42 12.30
N ALA D 87 -13.24 -5.00 11.28
CA ALA D 87 -13.58 -5.34 9.90
C ALA D 87 -13.11 -6.75 9.53
N ASP D 88 -11.97 -7.18 10.06
CA ASP D 88 -11.45 -8.50 9.73
C ASP D 88 -12.28 -9.60 10.39
N TYR D 89 -12.61 -9.43 11.66
CA TYR D 89 -13.15 -10.53 12.47
C TYR D 89 -14.59 -10.34 12.94
N ASN D 90 -15.16 -9.15 12.84
CA ASN D 90 -16.49 -8.94 13.42
C ASN D 90 -17.53 -8.51 12.40
N TYR D 91 -17.20 -7.56 11.52
CA TYR D 91 -18.19 -7.03 10.59
C TYR D 91 -17.46 -6.46 9.38
N LYS D 92 -17.52 -7.16 8.25
CA LYS D 92 -16.89 -6.73 7.01
C LYS D 92 -17.94 -6.27 6.02
N LEU D 93 -17.70 -5.12 5.38
CA LEU D 93 -18.51 -4.59 4.30
C LEU D 93 -17.84 -4.85 2.96
N PRO D 94 -18.60 -5.14 1.92
CA PRO D 94 -18.00 -5.35 0.61
C PRO D 94 -17.57 -4.03 0.00
N ASP D 95 -16.48 -4.08 -0.78
CA ASP D 95 -15.97 -2.86 -1.40
C ASP D 95 -16.96 -2.26 -2.39
N ASP D 96 -17.81 -3.09 -3.01
CA ASP D 96 -18.86 -2.62 -3.89
C ASP D 96 -20.18 -2.39 -3.16
N PHE D 97 -20.09 -2.10 -1.86
CA PHE D 97 -21.28 -1.84 -1.04
C PHE D 97 -21.96 -0.57 -1.50
N MET D 98 -23.28 -0.53 -1.33
CA MET D 98 -24.08 0.64 -1.69
C MET D 98 -25.12 0.82 -0.58
N GLY D 99 -24.84 1.74 0.34
CA GLY D 99 -25.75 1.99 1.45
C GLY D 99 -25.25 3.08 2.35
N CYS D 100 -25.78 3.12 3.57
CA CYS D 100 -25.49 4.21 4.51
C CYS D 100 -25.11 3.66 5.87
N VAL D 101 -24.30 4.44 6.59
CA VAL D 101 -23.83 4.10 7.93
C VAL D 101 -24.31 5.19 8.87
N LEU D 102 -24.88 4.77 10.00
CA LEU D 102 -25.43 5.70 10.98
C LEU D 102 -24.83 5.35 12.33
N ALA D 103 -24.48 6.38 13.10
CA ALA D 103 -23.85 6.17 14.39
C ALA D 103 -24.06 7.42 15.22
N TRP D 104 -23.95 7.26 16.53
CA TRP D 104 -24.12 8.39 17.44
C TRP D 104 -23.59 8.00 18.80
N ASN D 105 -23.12 9.00 19.54
CA ASN D 105 -22.50 8.75 20.83
C ASN D 105 -23.59 8.39 21.85
N THR D 106 -23.27 7.42 22.71
CA THR D 106 -24.19 6.92 23.73
C THR D 106 -23.49 6.78 25.07
N ARG D 107 -22.57 7.70 25.37
CA ARG D 107 -21.95 7.73 26.69
CA ARG D 107 -21.95 7.73 26.69
C ARG D 107 -22.99 7.85 27.80
N ASN D 108 -24.19 8.34 27.48
CA ASN D 108 -25.22 8.53 28.48
C ASN D 108 -25.83 7.22 28.95
N ILE D 109 -25.83 6.19 28.10
CA ILE D 109 -26.47 4.92 28.44
C ILE D 109 -25.51 3.75 28.52
N ASP D 110 -24.30 3.84 27.94
CA ASP D 110 -23.39 2.70 27.90
C ASP D 110 -22.07 2.95 28.63
N ALA D 111 -21.96 4.03 29.40
CA ALA D 111 -20.75 4.30 30.16
C ALA D 111 -21.09 4.44 31.64
N THR D 112 -20.27 3.83 32.49
CA THR D 112 -20.43 3.90 33.93
C THR D 112 -19.10 4.23 34.59
N SER D 113 -19.17 4.83 35.77
CA SER D 113 -17.94 5.16 36.47
C SER D 113 -17.17 3.90 36.88
N THR D 114 -17.85 2.77 36.99
CA THR D 114 -17.21 1.49 37.30
C THR D 114 -16.66 0.80 36.07
N GLY D 115 -17.25 1.06 34.90
CA GLY D 115 -16.84 0.40 33.67
C GLY D 115 -17.85 -0.62 33.17
N ASN D 116 -18.41 -0.39 31.98
CA ASN D 116 -19.41 -1.29 31.40
C ASN D 116 -18.68 -2.22 30.44
N HIS D 117 -18.29 -3.39 30.94
CA HIS D 117 -17.56 -4.39 30.16
C HIS D 117 -18.47 -5.47 29.60
N ASN D 118 -19.78 -5.23 29.59
CA ASN D 118 -20.71 -6.18 28.99
C ASN D 118 -20.55 -6.27 27.47
N TYR D 119 -19.98 -5.25 26.84
CA TYR D 119 -19.82 -5.25 25.38
C TYR D 119 -18.49 -5.90 25.01
N LYS D 120 -18.57 -6.95 24.20
CA LYS D 120 -17.39 -7.71 23.80
C LYS D 120 -17.26 -7.70 22.28
N TYR D 121 -16.03 -7.92 21.81
CA TYR D 121 -15.74 -8.02 20.39
C TYR D 121 -14.72 -9.13 20.19
N ARG D 122 -14.71 -9.72 18.99
CA ARG D 122 -13.79 -10.79 18.66
C ARG D 122 -12.43 -10.24 18.23
N TYR D 123 -11.36 -10.80 18.79
CA TYR D 123 -10.00 -10.42 18.43
C TYR D 123 -9.16 -11.58 17.89
N LEU D 124 -9.71 -12.79 17.83
CA LEU D 124 -9.03 -13.96 17.29
C LEU D 124 -10.02 -14.82 16.52
N ARG D 125 -9.59 -15.28 15.35
CA ARG D 125 -10.40 -16.13 14.47
C ARG D 125 -9.48 -16.78 13.45
N HIS D 126 -9.93 -17.92 12.92
CA HIS D 126 -9.21 -18.65 11.86
C HIS D 126 -9.75 -18.18 10.51
N GLY D 127 -9.15 -17.13 9.96
CA GLY D 127 -9.58 -16.56 8.70
C GLY D 127 -10.55 -15.41 8.88
N LYS D 128 -10.51 -14.47 7.94
CA LYS D 128 -11.35 -13.28 8.02
C LYS D 128 -12.78 -13.57 7.56
N LEU D 129 -13.64 -12.56 7.69
CA LEU D 129 -15.06 -12.71 7.40
C LEU D 129 -15.37 -12.31 5.96
N ARG D 130 -16.33 -13.03 5.36
CA ARG D 130 -16.93 -12.54 4.12
C ARG D 130 -17.83 -11.36 4.45
N PRO D 131 -18.22 -10.56 3.46
CA PRO D 131 -19.21 -9.51 3.70
C PRO D 131 -20.48 -10.11 4.28
N PHE D 132 -20.94 -9.53 5.39
CA PHE D 132 -22.13 -9.95 6.11
C PHE D 132 -21.99 -11.35 6.73
N GLU D 133 -20.76 -11.86 6.82
CA GLU D 133 -20.55 -13.15 7.49
C GLU D 133 -20.57 -12.93 9.00
N ARG D 134 -21.09 -13.91 9.73
CA ARG D 134 -21.37 -13.76 11.15
C ARG D 134 -20.90 -15.00 11.87
N ASP D 135 -19.85 -14.85 12.68
CA ASP D 135 -19.28 -15.94 13.46
C ASP D 135 -19.52 -15.57 14.93
N ILE D 136 -20.58 -16.13 15.50
CA ILE D 136 -20.91 -15.92 16.92
C ILE D 136 -20.46 -17.10 17.78
N SER D 137 -19.64 -17.99 17.25
CA SER D 137 -19.12 -19.09 18.04
C SER D 137 -18.20 -18.56 19.14
N ASN D 138 -18.14 -19.30 20.25
CA ASN D 138 -17.33 -18.90 21.40
C ASN D 138 -16.46 -20.06 21.86
N VAL D 139 -15.79 -20.73 20.92
CA VAL D 139 -14.90 -21.85 21.20
C VAL D 139 -13.50 -21.28 21.39
N PRO D 140 -12.76 -21.71 22.40
CA PRO D 140 -11.41 -21.16 22.62
C PRO D 140 -10.50 -21.33 21.41
N PHE D 141 -9.96 -20.22 20.94
CA PHE D 141 -9.09 -20.20 19.76
C PHE D 141 -7.74 -20.83 20.08
N SER D 142 -7.18 -21.48 19.06
CA SER D 142 -5.86 -22.10 19.13
C SER D 142 -5.15 -21.94 17.80
N PRO D 143 -3.84 -21.66 17.82
CA PRO D 143 -3.12 -21.54 16.55
C PRO D 143 -3.07 -22.83 15.76
N ASP D 144 -2.82 -23.97 16.42
CA ASP D 144 -2.75 -25.25 15.72
C ASP D 144 -4.08 -25.72 15.15
N GLY D 145 -5.20 -25.08 15.50
CA GLY D 145 -6.51 -25.53 15.09
C GLY D 145 -7.12 -26.62 15.96
N LYS D 146 -6.30 -27.37 16.70
CA LYS D 146 -6.83 -28.43 17.56
C LYS D 146 -7.56 -27.81 18.75
N PRO D 147 -8.81 -28.21 19.00
CA PRO D 147 -9.58 -27.58 20.07
C PRO D 147 -8.99 -27.82 21.45
N CYS D 148 -8.83 -26.73 22.21
CA CYS D 148 -8.42 -26.76 23.60
C CYS D 148 -9.35 -25.83 24.37
N THR D 149 -9.72 -26.23 25.58
CA THR D 149 -10.39 -25.31 26.51
C THR D 149 -9.45 -24.49 27.40
N PRO D 150 -8.47 -25.11 28.07
CA PRO D 150 -7.86 -24.49 29.26
C PRO D 150 -7.17 -23.18 28.93
N PRO D 151 -6.97 -22.34 29.93
CA PRO D 151 -6.17 -21.12 29.73
C PRO D 151 -4.69 -21.44 29.82
N ALA D 152 -4.29 -22.58 29.25
CA ALA D 152 -2.91 -23.04 29.25
C ALA D 152 -2.17 -22.41 28.08
N LEU D 153 -1.01 -22.97 27.74
CA LEU D 153 -0.19 -22.44 26.66
C LEU D 153 -0.93 -22.46 25.31
N ASN D 154 -0.71 -21.39 24.54
CA ASN D 154 -1.19 -21.24 23.16
C ASN D 154 -2.69 -21.48 23.03
N CYS D 155 -3.44 -21.26 24.12
CA CYS D 155 -4.89 -21.41 24.10
C CYS D 155 -5.49 -20.19 24.77
N TYR D 156 -6.27 -19.42 24.01
CA TYR D 156 -6.81 -18.15 24.44
C TYR D 156 -8.32 -18.15 24.24
N TRP D 157 -8.98 -17.30 24.99
CA TRP D 157 -10.40 -17.13 24.73
C TRP D 157 -10.59 -16.19 23.53
N PRO D 158 -11.65 -16.40 22.74
CA PRO D 158 -11.75 -15.66 21.46
C PRO D 158 -12.32 -14.26 21.55
N LEU D 159 -13.10 -13.93 22.58
CA LEU D 159 -13.73 -12.62 22.69
C LEU D 159 -12.99 -11.76 23.71
N ASN D 160 -12.92 -10.46 23.44
CA ASN D 160 -12.38 -9.47 24.36
C ASN D 160 -13.40 -8.37 24.57
N ASP D 161 -13.17 -7.56 25.61
CA ASP D 161 -14.16 -6.63 26.12
C ASP D 161 -13.79 -5.18 25.84
N TYR D 162 -14.82 -4.37 25.54
CA TYR D 162 -14.66 -2.92 25.50
C TYR D 162 -14.80 -2.36 26.91
N GLY D 163 -13.84 -1.52 27.31
CA GLY D 163 -13.92 -0.83 28.58
C GLY D 163 -14.46 0.59 28.45
N PHE D 164 -15.72 0.77 28.81
CA PHE D 164 -16.43 2.04 28.66
C PHE D 164 -16.61 2.71 30.03
N TYR D 165 -15.72 3.66 30.32
CA TYR D 165 -15.84 4.53 31.47
C TYR D 165 -16.37 5.89 31.00
N THR D 166 -16.55 6.82 31.94
CA THR D 166 -17.03 8.15 31.60
C THR D 166 -15.89 9.13 31.32
N THR D 167 -14.66 8.80 31.75
CA THR D 167 -13.51 9.68 31.58
C THR D 167 -12.83 9.54 30.22
N THR D 168 -13.17 8.53 29.42
CA THR D 168 -12.44 8.31 28.18
C THR D 168 -12.93 9.26 27.10
N GLY D 169 -12.04 9.53 26.14
CA GLY D 169 -12.38 10.38 25.01
C GLY D 169 -13.33 9.71 24.05
N ILE D 170 -13.78 10.47 23.05
CA ILE D 170 -14.77 9.94 22.10
C ILE D 170 -14.21 8.83 21.25
N GLY D 171 -12.88 8.66 21.22
CA GLY D 171 -12.31 7.50 20.56
C GLY D 171 -12.61 6.21 21.29
N TYR D 172 -12.76 6.27 22.61
CA TYR D 172 -13.10 5.10 23.41
C TYR D 172 -14.54 5.13 23.89
N GLN D 173 -15.32 6.04 23.42
CA GLN D 173 -16.68 6.10 23.92
C GLN D 173 -17.61 5.27 23.05
N PRO D 174 -18.68 4.72 23.63
CA PRO D 174 -19.57 3.84 22.87
C PRO D 174 -20.43 4.59 21.87
N TYR D 175 -20.44 4.11 20.63
CA TYR D 175 -21.34 4.60 19.60
C TYR D 175 -22.26 3.46 19.16
N ARG D 176 -23.51 3.79 18.87
CA ARG D 176 -24.50 2.81 18.45
C ARG D 176 -24.67 2.92 16.95
N VAL D 177 -24.26 1.87 16.22
CA VAL D 177 -24.16 1.90 14.78
C VAL D 177 -25.37 1.18 14.18
N VAL D 178 -25.89 1.71 13.08
CA VAL D 178 -26.92 1.07 12.30
C VAL D 178 -26.54 1.19 10.82
N VAL D 179 -26.29 0.06 10.17
CA VAL D 179 -25.88 0.03 8.76
C VAL D 179 -27.07 -0.35 7.92
N LEU D 180 -27.28 0.38 6.81
CA LEU D 180 -28.43 0.19 5.95
C LEU D 180 -27.97 -0.29 4.58
N SER D 181 -28.52 -1.41 4.13
CA SER D 181 -28.20 -1.95 2.81
C SER D 181 -29.43 -1.91 1.90
N ALA D 189 -39.43 -4.82 -5.62
CA ALA D 189 -39.68 -3.38 -5.48
C ALA D 189 -40.76 -3.05 -4.43
N THR D 190 -40.46 -3.28 -3.14
CA THR D 190 -41.41 -3.06 -2.05
C THR D 190 -41.09 -1.89 -1.15
N VAL D 191 -39.82 -1.56 -0.94
CA VAL D 191 -39.40 -0.43 -0.11
C VAL D 191 -39.09 0.73 -1.04
N CYS D 192 -40.00 1.71 -1.12
CA CYS D 192 -39.88 2.81 -2.05
C CYS D 192 -39.70 4.13 -1.31
N GLY D 193 -39.47 5.17 -2.09
CA GLY D 193 -39.46 6.53 -1.60
C GLY D 193 -40.86 7.11 -1.56
N PRO D 194 -40.96 8.38 -1.14
CA PRO D 194 -42.23 9.12 -1.07
C PRO D 194 -42.94 9.19 -2.42
N GLN E 1 0.18 14.34 -3.52
CA GLN E 1 -0.91 13.67 -2.84
C GLN E 1 -2.06 14.63 -2.52
N VAL E 2 -2.81 14.33 -1.47
CA VAL E 2 -3.92 15.18 -1.05
C VAL E 2 -3.36 16.29 -0.18
N GLN E 3 -3.92 17.49 -0.30
CA GLN E 3 -3.43 18.61 0.50
C GLN E 3 -4.60 19.51 0.87
N LEU E 4 -4.66 19.86 2.15
CA LEU E 4 -5.60 20.83 2.67
C LEU E 4 -4.78 21.91 3.35
N VAL E 5 -5.08 23.16 3.01
CA VAL E 5 -4.32 24.33 3.45
C VAL E 5 -5.32 25.33 4.02
N GLU E 6 -5.27 25.56 5.33
CA GLU E 6 -6.13 26.56 5.95
C GLU E 6 -5.48 27.94 5.89
N SER E 7 -6.31 28.97 5.89
CA SER E 7 -5.87 30.35 5.86
C SER E 7 -6.98 31.24 6.39
N GLY E 8 -6.61 32.36 6.98
CA GLY E 8 -7.55 33.34 7.46
C GLY E 8 -7.60 33.48 8.96
N GLY E 9 -6.86 32.66 9.70
CA GLY E 9 -6.91 32.72 11.15
C GLY E 9 -6.06 33.82 11.72
N GLY E 10 -6.50 34.36 12.85
CA GLY E 10 -5.75 35.40 13.50
C GLY E 10 -6.44 35.84 14.76
N LEU E 11 -5.79 36.77 15.45
CA LEU E 11 -6.28 37.29 16.72
C LEU E 11 -7.41 38.29 16.49
N VAL E 12 -8.54 38.05 17.17
CA VAL E 12 -9.73 38.89 17.06
C VAL E 12 -10.23 39.19 18.46
N GLN E 13 -11.23 40.06 18.54
CA GLN E 13 -11.85 40.45 19.80
C GLN E 13 -13.28 39.92 19.87
N PRO E 14 -13.83 39.74 21.07
CA PRO E 14 -15.20 39.18 21.16
C PRO E 14 -16.23 40.01 20.42
N GLY E 15 -17.31 39.35 20.01
CA GLY E 15 -18.36 39.95 19.23
C GLY E 15 -18.05 40.09 17.75
N GLY E 16 -16.80 39.92 17.34
CA GLY E 16 -16.41 40.16 15.97
C GLY E 16 -16.74 39.03 15.01
N SER E 17 -16.10 39.09 13.85
CA SER E 17 -16.29 38.13 12.77
C SER E 17 -14.93 37.75 12.19
N LEU E 18 -14.89 36.54 11.63
CA LEU E 18 -13.69 36.02 10.99
C LEU E 18 -14.10 35.13 9.83
N ARG E 19 -13.24 35.05 8.82
CA ARG E 19 -13.43 34.19 7.66
C ARG E 19 -12.22 33.28 7.53
N LEU E 20 -12.47 31.98 7.45
CA LEU E 20 -11.42 30.98 7.31
C LEU E 20 -11.60 30.27 5.99
N SER E 21 -10.51 30.08 5.25
CA SER E 21 -10.53 29.38 3.98
C SER E 21 -9.61 28.17 4.05
N CYS E 22 -9.99 27.14 3.32
CA CYS E 22 -9.13 25.97 3.16
C CYS E 22 -9.41 25.35 1.81
N ALA E 23 -8.34 25.07 1.05
CA ALA E 23 -8.45 24.61 -0.33
C ALA E 23 -7.84 23.23 -0.50
N ALA E 24 -8.52 22.38 -1.28
CA ALA E 24 -8.10 21.01 -1.52
C ALA E 24 -7.42 20.89 -2.87
N SER E 25 -6.21 20.32 -2.87
CA SER E 25 -5.41 20.25 -4.09
C SER E 25 -5.56 18.92 -4.83
N GLY E 26 -5.21 17.81 -4.19
CA GLY E 26 -5.17 16.52 -4.86
C GLY E 26 -6.28 15.58 -4.43
N PHE E 27 -7.21 15.29 -5.33
CA PHE E 27 -8.42 14.54 -4.98
C PHE E 27 -8.78 13.66 -6.18
N THR E 28 -8.51 12.37 -6.07
CA THR E 28 -8.89 11.45 -7.13
C THR E 28 -10.35 11.02 -7.07
N SER E 29 -11.09 11.40 -6.04
CA SER E 29 -12.52 11.14 -5.94
C SER E 29 -13.28 12.39 -6.41
N ASP E 30 -14.62 12.27 -6.45
CA ASP E 30 -15.53 13.31 -6.93
C ASP E 30 -16.57 13.78 -5.92
N HIS E 31 -16.98 12.92 -4.97
CA HIS E 31 -18.06 13.30 -4.07
C HIS E 31 -17.66 13.31 -2.59
N TYR E 32 -16.64 14.07 -2.23
CA TYR E 32 -16.20 14.15 -0.84
C TYR E 32 -16.88 15.33 -0.14
N ALA E 33 -17.23 15.13 1.12
CA ALA E 33 -17.79 16.18 1.97
C ALA E 33 -16.68 16.90 2.73
N LEU E 34 -16.92 18.15 3.09
CA LEU E 34 -15.89 18.98 3.71
C LEU E 34 -16.39 19.60 5.01
N ALA E 35 -15.52 19.63 6.01
CA ALA E 35 -15.91 20.01 7.37
C ALA E 35 -14.80 20.78 8.06
N TRP E 36 -15.16 21.41 9.18
CA TRP E 36 -14.29 22.27 9.97
C TRP E 36 -14.23 21.74 11.39
N PHE E 37 -13.02 21.64 11.94
CA PHE E 37 -12.81 21.13 13.29
C PHE E 37 -11.95 22.10 14.10
N ARG E 38 -12.19 22.14 15.41
CA ARG E 38 -11.44 23.00 16.32
C ARG E 38 -10.97 22.21 17.53
N GLN E 39 -9.80 22.57 18.06
CA GLN E 39 -9.22 21.86 19.20
C GLN E 39 -8.49 22.84 20.12
N ALA E 40 -8.82 22.81 21.41
CA ALA E 40 -8.18 23.61 22.44
C ALA E 40 -7.11 22.80 23.17
N PRO E 41 -6.12 23.45 23.77
CA PRO E 41 -5.09 22.69 24.50
C PRO E 41 -5.71 21.88 25.63
N GLY E 42 -5.46 20.58 25.61
CA GLY E 42 -6.03 19.68 26.59
C GLY E 42 -7.46 19.28 26.33
N LYS E 43 -7.94 19.44 25.10
CA LYS E 43 -9.28 19.01 24.73
C LYS E 43 -9.23 18.28 23.38
N GLU E 44 -10.27 17.49 23.13
CA GLU E 44 -10.39 16.75 21.88
C GLU E 44 -11.01 17.62 20.80
N ARG E 45 -10.51 17.49 19.57
CA ARG E 45 -10.98 18.33 18.48
C ARG E 45 -12.45 18.08 18.19
N GLU E 46 -13.27 19.09 18.46
CA GLU E 46 -14.72 18.98 18.32
C GLU E 46 -15.12 19.24 16.89
N GLY E 47 -16.19 18.58 16.46
CA GLY E 47 -16.73 18.87 15.15
C GLY E 47 -17.53 20.16 15.18
N VAL E 48 -17.09 21.16 14.41
CA VAL E 48 -17.67 22.50 14.38
C VAL E 48 -18.79 22.56 13.35
N SER E 49 -18.44 22.26 12.08
CA SER E 49 -19.40 22.23 11.00
C SER E 49 -18.95 21.26 9.92
N CYS E 50 -19.93 20.68 9.23
CA CYS E 50 -19.71 19.67 8.20
C CYS E 50 -20.61 19.97 7.01
N ILE E 51 -19.99 20.21 5.86
CA ILE E 51 -20.71 20.61 4.65
C ILE E 51 -20.81 19.41 3.73
N ASP E 52 -22.02 19.16 3.22
CA ASP E 52 -22.34 17.96 2.47
C ASP E 52 -21.56 17.91 1.17
N SER E 53 -21.70 16.81 0.42
CA SER E 53 -21.06 16.69 -0.88
C SER E 53 -21.72 17.65 -1.85
N ASP E 54 -21.16 18.85 -1.95
CA ASP E 54 -21.62 19.96 -2.79
C ASP E 54 -23.00 20.50 -2.38
N GLY E 55 -23.55 20.05 -1.26
CA GLY E 55 -24.85 20.52 -0.84
C GLY E 55 -24.94 21.37 0.41
N ASN E 56 -25.79 20.92 1.32
CA ASN E 56 -26.20 21.61 2.54
C ASN E 56 -25.20 21.41 3.69
N PRO E 57 -24.95 22.45 4.48
CA PRO E 57 -24.02 22.34 5.61
C PRO E 57 -24.74 21.97 6.90
N PHE E 58 -23.96 21.44 7.84
CA PHE E 58 -24.46 21.03 9.15
C PHE E 58 -23.51 21.56 10.21
N TYR E 59 -24.07 22.15 11.26
CA TYR E 59 -23.28 22.74 12.32
C TYR E 59 -23.53 21.97 13.62
N ALA E 60 -22.53 22.01 14.49
CA ALA E 60 -22.72 21.46 15.82
C ALA E 60 -23.66 22.38 16.60
N ASP E 61 -24.32 21.82 17.60
CA ASP E 61 -25.29 22.60 18.36
C ASP E 61 -24.64 23.80 19.05
N SER E 62 -23.33 23.71 19.34
CA SER E 62 -22.63 24.73 20.11
C SER E 62 -22.40 26.01 19.31
N VAL E 63 -22.47 25.95 17.98
CA VAL E 63 -22.22 27.10 17.13
C VAL E 63 -23.40 27.42 16.23
N LYS E 64 -24.53 26.75 16.42
CA LYS E 64 -25.71 26.99 15.59
C LYS E 64 -26.18 28.44 15.78
N GLY E 65 -26.51 29.08 14.67
CA GLY E 65 -26.89 30.48 14.67
C GLY E 65 -25.75 31.48 14.69
N ARG E 66 -24.54 31.06 15.06
CA ARG E 66 -23.37 31.92 15.05
C ARG E 66 -22.44 31.66 13.88
N PHE E 67 -22.29 30.41 13.45
CA PHE E 67 -21.37 30.07 12.37
C PHE E 67 -22.13 29.73 11.10
N THR E 68 -21.48 29.98 9.97
CA THR E 68 -21.98 29.68 8.64
C THR E 68 -20.84 29.20 7.77
N GLY E 69 -20.99 28.02 7.18
CA GLY E 69 -20.00 27.48 6.28
C GLY E 69 -20.58 27.20 4.91
N SER E 70 -19.71 27.14 3.90
CA SER E 70 -20.15 26.90 2.53
C SER E 70 -18.96 26.44 1.70
N ARG E 71 -19.26 25.94 0.50
CA ARG E 71 -18.25 25.43 -0.43
C ARG E 71 -18.28 26.21 -1.73
N ASP E 72 -17.18 26.12 -2.48
CA ASP E 72 -17.09 26.64 -3.84
C ASP E 72 -17.18 25.51 -4.85
N ASN E 73 -18.03 25.69 -5.86
CA ASN E 73 -18.17 24.69 -6.93
C ASN E 73 -17.00 24.75 -7.90
N ALA E 74 -16.68 25.95 -8.39
CA ALA E 74 -15.57 26.10 -9.35
C ALA E 74 -14.24 25.72 -8.70
N LYS E 75 -13.99 26.25 -7.50
CA LYS E 75 -12.77 25.95 -6.78
C LYS E 75 -13.01 24.79 -5.81
N ASN E 76 -11.99 24.48 -5.03
CA ASN E 76 -12.07 23.41 -4.04
C ASN E 76 -11.80 24.02 -2.68
N THR E 77 -12.46 25.14 -2.40
CA THR E 77 -12.26 25.90 -1.17
C THR E 77 -13.57 26.01 -0.41
N VAL E 78 -13.54 25.68 0.88
CA VAL E 78 -14.67 25.88 1.79
C VAL E 78 -14.38 27.10 2.67
N TYR E 79 -15.42 27.89 2.89
CA TYR E 79 -15.32 29.04 3.76
C TYR E 79 -16.18 28.80 4.99
N LEU E 80 -15.78 29.40 6.10
CA LEU E 80 -16.55 29.31 7.35
C LEU E 80 -16.53 30.70 7.97
N GLN E 81 -17.69 31.35 8.00
CA GLN E 81 -17.81 32.66 8.63
C GLN E 81 -18.17 32.46 10.09
N MET E 82 -17.40 33.09 10.96
CA MET E 82 -17.54 32.95 12.41
C MET E 82 -18.03 34.28 12.96
N ASN E 83 -19.34 34.39 13.16
CA ASN E 83 -19.94 35.58 13.72
C ASN E 83 -20.12 35.44 15.24
N SER E 84 -20.23 36.59 15.91
CA SER E 84 -20.56 36.68 17.34
C SER E 84 -19.64 35.77 18.17
N LEU E 85 -18.34 36.06 18.09
CA LEU E 85 -17.35 35.23 18.74
C LEU E 85 -17.48 35.33 20.27
N LYS E 86 -16.92 34.34 20.94
CA LYS E 86 -16.88 34.29 22.40
C LYS E 86 -15.45 33.92 22.83
N LEU E 87 -15.24 33.75 24.13
CA LEU E 87 -13.92 33.41 24.63
C LEU E 87 -13.63 31.92 24.56
N GLU E 88 -14.67 31.08 24.59
CA GLU E 88 -14.54 29.63 24.45
C GLU E 88 -14.28 29.17 23.03
N ASP E 89 -14.53 30.03 22.03
CA ASP E 89 -14.25 29.70 20.63
C ASP E 89 -12.76 29.73 20.29
N THR E 90 -11.89 30.11 21.22
CA THR E 90 -10.45 30.07 20.98
C THR E 90 -10.01 28.63 20.78
N ALA E 91 -9.40 28.35 19.63
CA ALA E 91 -8.92 27.00 19.31
C ALA E 91 -8.11 27.07 18.03
N VAL E 92 -7.38 25.99 17.75
CA VAL E 92 -6.70 25.80 16.48
C VAL E 92 -7.67 25.08 15.57
N TYR E 93 -8.03 25.72 14.45
CA TYR E 93 -9.09 25.21 13.60
C TYR E 93 -8.52 24.40 12.44
N TYR E 94 -9.18 23.29 12.15
CA TYR E 94 -8.75 22.37 11.12
C TYR E 94 -9.89 22.16 10.15
N CYS E 95 -9.54 22.00 8.87
CA CYS E 95 -10.47 21.52 7.85
C CYS E 95 -10.14 20.06 7.60
N ALA E 96 -11.18 19.27 7.38
CA ALA E 96 -11.04 17.86 7.07
C ALA E 96 -12.10 17.51 6.04
N ALA E 97 -11.81 16.56 5.15
CA ALA E 97 -12.76 16.21 4.11
C ALA E 97 -13.31 14.79 4.19
N GLY E 98 -12.46 13.78 4.05
CA GLY E 98 -13.00 12.43 4.03
C GLY E 98 -13.81 12.11 2.77
N LEU E 99 -13.77 10.84 2.38
CA LEU E 99 -14.19 10.40 1.05
C LEU E 99 -15.45 9.54 1.12
N TRP E 100 -16.56 10.04 1.68
CA TRP E 100 -17.65 9.10 1.89
C TRP E 100 -19.02 9.58 1.40
N TYR E 101 -19.10 10.55 0.50
CA TYR E 101 -20.38 10.86 -0.16
C TYR E 101 -21.51 11.12 0.85
N GLY E 102 -21.17 11.73 1.99
CA GLY E 102 -22.15 11.93 3.05
C GLY E 102 -21.72 12.99 4.04
N ARG E 103 -22.03 12.84 5.33
CA ARG E 103 -21.58 13.83 6.31
C ARG E 103 -21.47 13.20 7.70
N SER E 104 -20.50 13.70 8.47
CA SER E 104 -20.32 13.28 9.86
C SER E 104 -19.64 14.37 10.66
N LEU E 105 -20.05 14.54 11.91
CA LEU E 105 -19.45 15.49 12.84
C LEU E 105 -18.43 14.85 13.80
N ASN E 106 -17.93 13.65 13.48
CA ASN E 106 -16.94 12.98 14.31
C ASN E 106 -15.55 12.93 13.68
N SER E 107 -14.53 13.14 14.52
CA SER E 107 -13.14 13.24 14.10
C SER E 107 -12.59 11.94 13.55
N PHE E 108 -13.16 10.82 13.93
CA PHE E 108 -12.58 9.54 13.57
C PHE E 108 -12.98 9.08 12.16
N ASP E 109 -13.82 9.85 11.47
CA ASP E 109 -14.30 9.46 10.14
C ASP E 109 -13.54 10.15 9.01
N TYR E 110 -12.61 11.05 9.33
CA TYR E 110 -12.05 12.00 8.37
C TYR E 110 -10.66 11.57 7.93
N ASP E 111 -10.65 10.74 6.88
CA ASP E 111 -9.43 10.18 6.28
C ASP E 111 -8.33 11.21 6.02
N TYR E 112 -8.69 12.49 5.80
CA TYR E 112 -7.70 13.50 5.41
C TYR E 112 -7.90 14.78 6.21
N TRP E 113 -6.86 15.16 6.94
CA TRP E 113 -6.87 16.31 7.84
C TRP E 113 -6.00 17.43 7.27
N GLY E 114 -6.41 18.66 7.56
CA GLY E 114 -5.67 19.85 7.16
C GLY E 114 -4.58 20.21 8.14
N GLN E 115 -4.33 21.49 8.29
CA GLN E 115 -3.29 22.00 9.19
C GLN E 115 -3.89 22.90 10.25
N GLY E 116 -3.04 23.38 11.14
CA GLY E 116 -3.54 24.18 12.24
C GLY E 116 -3.45 25.67 12.01
N THR E 117 -4.61 26.32 11.81
CA THR E 117 -4.69 27.77 11.81
C THR E 117 -5.20 28.21 13.17
N GLN E 118 -4.47 29.11 13.81
CA GLN E 118 -4.80 29.52 15.17
C GLN E 118 -5.85 30.62 15.16
N VAL E 119 -6.84 30.49 16.03
CA VAL E 119 -7.85 31.53 16.23
C VAL E 119 -7.84 31.89 17.71
N THR E 120 -7.53 33.13 18.01
CA THR E 120 -7.42 33.59 19.39
C THR E 120 -8.40 34.74 19.63
N VAL E 121 -9.11 34.70 20.75
CA VAL E 121 -10.07 35.73 21.12
C VAL E 121 -9.65 36.25 22.50
N SER E 122 -9.03 37.44 22.53
CA SER E 122 -8.45 38.01 23.74
C SER E 122 -8.77 39.50 23.79
N SER E 123 -8.10 40.20 24.72
CA SER E 123 -8.18 41.66 24.86
C SER E 123 -6.88 42.22 25.44
N GLN F 1 -1.37 -11.97 8.81
CA GLN F 1 -0.54 -10.80 9.09
C GLN F 1 0.07 -10.85 10.49
N VAL F 2 0.33 -9.67 11.05
CA VAL F 2 0.92 -9.57 12.38
C VAL F 2 -0.20 -9.69 13.41
N GLN F 3 0.10 -10.37 14.52
CA GLN F 3 -0.85 -10.56 15.60
C GLN F 3 -0.09 -10.58 16.92
N LEU F 4 -0.58 -9.81 17.88
CA LEU F 4 -0.05 -9.80 19.23
C LEU F 4 -1.18 -10.13 20.19
N VAL F 5 -0.94 -11.09 21.10
CA VAL F 5 -1.97 -11.62 21.99
C VAL F 5 -1.39 -11.59 23.40
N GLU F 6 -1.94 -10.73 24.26
CA GLU F 6 -1.52 -10.66 25.65
C GLU F 6 -2.27 -11.69 26.48
N SER F 7 -1.64 -12.14 27.56
CA SER F 7 -2.24 -13.14 28.42
C SER F 7 -1.60 -13.05 29.80
N GLY F 8 -2.37 -13.44 30.81
CA GLY F 8 -1.90 -13.47 32.18
C GLY F 8 -2.55 -12.47 33.10
N GLY F 9 -3.41 -11.60 32.56
CA GLY F 9 -4.03 -10.57 33.37
C GLY F 9 -5.20 -11.09 34.18
N GLY F 10 -5.40 -10.46 35.34
CA GLY F 10 -6.51 -10.83 36.20
C GLY F 10 -6.54 -9.96 37.44
N LEU F 11 -7.55 -10.23 38.27
CA LEU F 11 -7.74 -9.48 39.51
C LEU F 11 -6.75 -9.98 40.56
N VAL F 12 -6.02 -9.05 41.17
CA VAL F 12 -5.02 -9.35 42.19
C VAL F 12 -5.24 -8.39 43.35
N GLN F 13 -4.55 -8.68 44.45
CA GLN F 13 -4.54 -7.87 45.67
C GLN F 13 -3.16 -7.26 45.87
N PRO F 14 -3.07 -6.16 46.62
CA PRO F 14 -1.76 -5.48 46.78
C PRO F 14 -0.69 -6.39 47.37
N GLY F 15 0.57 -6.03 47.08
CA GLY F 15 1.73 -6.77 47.56
C GLY F 15 2.09 -8.03 46.80
N GLY F 16 1.22 -8.51 45.91
CA GLY F 16 1.46 -9.75 45.19
C GLY F 16 2.36 -9.61 43.98
N SER F 17 2.32 -10.64 43.14
CA SER F 17 3.14 -10.71 41.94
C SER F 17 2.30 -11.25 40.77
N LEU F 18 2.71 -10.89 39.55
CA LEU F 18 2.05 -11.35 38.35
C LEU F 18 3.05 -11.52 37.22
N ARG F 19 2.72 -12.43 36.30
CA ARG F 19 3.49 -12.71 35.10
C ARG F 19 2.57 -12.58 33.89
N LEU F 20 2.98 -11.77 32.92
CA LEU F 20 2.20 -11.53 31.72
C LEU F 20 2.95 -12.04 30.50
N SER F 21 2.22 -12.68 29.60
CA SER F 21 2.77 -13.20 28.36
C SER F 21 2.08 -12.56 27.18
N CYS F 22 2.83 -12.40 26.09
CA CYS F 22 2.27 -11.93 24.83
C CYS F 22 3.10 -12.55 23.71
N ALA F 23 2.42 -13.05 22.67
CA ALA F 23 3.04 -13.83 21.60
C ALA F 23 2.96 -13.10 20.26
N ALA F 24 4.04 -13.19 19.48
CA ALA F 24 4.17 -12.53 18.19
C ALA F 24 3.88 -13.52 17.07
N SER F 25 3.12 -13.09 16.06
CA SER F 25 2.63 -14.00 15.03
CA SER F 25 2.63 -14.00 15.03
C SER F 25 3.21 -13.72 13.65
N GLY F 26 2.97 -12.54 13.11
CA GLY F 26 3.25 -12.35 11.70
C GLY F 26 4.47 -11.52 11.37
N PHE F 27 5.61 -11.79 11.98
CA PHE F 27 6.77 -10.90 11.85
C PHE F 27 7.72 -11.46 10.79
N THR F 28 7.68 -10.82 9.63
CA THR F 28 8.56 -11.08 8.51
C THR F 28 9.94 -10.48 8.69
N SER F 29 10.17 -9.74 9.76
CA SER F 29 11.51 -9.24 10.04
C SER F 29 12.16 -10.23 11.00
N ASP F 30 13.34 -9.88 11.49
CA ASP F 30 14.12 -10.78 12.34
C ASP F 30 14.34 -10.21 13.74
N HIS F 31 15.02 -9.08 13.87
CA HIS F 31 15.37 -8.49 15.16
C HIS F 31 14.50 -7.26 15.46
N TYR F 32 13.23 -7.51 15.83
CA TYR F 32 12.31 -6.47 16.24
C TYR F 32 12.35 -6.39 17.77
N ALA F 33 12.24 -5.18 18.33
CA ALA F 33 12.21 -5.00 19.77
C ALA F 33 10.79 -5.05 20.33
N LEU F 34 10.66 -5.49 21.58
CA LEU F 34 9.38 -5.73 22.23
C LEU F 34 9.27 -5.02 23.58
N ALA F 35 8.08 -4.48 23.87
CA ALA F 35 7.89 -3.60 25.03
C ALA F 35 6.52 -3.80 25.64
N TRP F 36 6.36 -3.24 26.85
CA TRP F 36 5.14 -3.36 27.64
C TRP F 36 4.63 -1.95 27.96
N PHE F 37 3.34 -1.71 27.73
CA PHE F 37 2.72 -0.41 27.94
C PHE F 37 1.44 -0.58 28.74
N ARG F 38 1.08 0.42 29.54
CA ARG F 38 -0.15 0.35 30.33
C ARG F 38 -0.94 1.64 30.18
N GLN F 39 -2.27 1.50 30.22
CA GLN F 39 -3.19 2.58 29.87
C GLN F 39 -4.36 2.56 30.86
N ALA F 40 -4.39 3.53 31.76
CA ALA F 40 -5.50 3.71 32.69
C ALA F 40 -6.63 4.48 32.02
N PRO F 41 -7.86 4.35 32.51
CA PRO F 41 -8.99 5.07 31.89
C PRO F 41 -8.84 6.59 32.00
N GLY F 42 -8.85 7.25 30.84
CA GLY F 42 -8.70 8.69 30.80
C GLY F 42 -7.30 9.20 31.01
N LYS F 43 -6.28 8.37 30.77
CA LYS F 43 -4.89 8.74 30.98
C LYS F 43 -4.07 8.36 29.75
N GLU F 44 -2.87 8.92 29.67
CA GLU F 44 -1.99 8.67 28.53
C GLU F 44 -1.23 7.37 28.71
N ARG F 45 -1.08 6.61 27.62
CA ARG F 45 -0.48 5.28 27.67
C ARG F 45 0.97 5.32 28.09
N GLU F 46 1.26 4.79 29.29
CA GLU F 46 2.57 4.88 29.89
C GLU F 46 3.48 3.76 29.37
N GLY F 47 4.76 4.09 29.17
CA GLY F 47 5.73 3.07 28.83
C GLY F 47 6.21 2.34 30.06
N VAL F 48 5.96 1.03 30.16
CA VAL F 48 6.30 0.28 31.37
C VAL F 48 7.72 -0.29 31.25
N SER F 49 7.94 -1.12 30.24
CA SER F 49 9.26 -1.70 30.03
C SER F 49 9.44 -2.00 28.55
N CYS F 50 10.69 -1.93 28.10
CA CYS F 50 11.01 -2.18 26.70
C CYS F 50 12.27 -3.00 26.62
N ILE F 51 12.17 -4.19 26.03
CA ILE F 51 13.31 -5.09 25.85
C ILE F 51 13.70 -5.08 24.37
N ASP F 52 14.94 -4.73 24.09
CA ASP F 52 15.41 -4.58 22.72
C ASP F 52 15.44 -5.95 22.03
N SER F 53 15.85 -5.93 20.75
CA SER F 53 15.98 -7.20 20.03
C SER F 53 17.09 -8.07 20.60
N ASP F 54 18.14 -7.47 21.16
CA ASP F 54 19.27 -8.20 21.71
C ASP F 54 18.99 -8.75 23.11
N GLY F 55 17.75 -8.62 23.60
CA GLY F 55 17.39 -9.15 24.90
C GLY F 55 17.58 -8.22 26.09
N ASN F 56 18.10 -7.00 25.87
CA ASN F 56 18.36 -6.17 27.06
C ASN F 56 17.08 -5.45 27.47
N PRO F 57 16.76 -5.41 28.76
CA PRO F 57 15.52 -4.75 29.18
C PRO F 57 15.71 -3.30 29.61
N PHE F 58 14.66 -2.50 29.49
CA PHE F 58 14.66 -1.13 29.97
C PHE F 58 13.31 -0.85 30.60
N TYR F 59 13.32 -0.33 31.82
CA TYR F 59 12.11 -0.09 32.57
C TYR F 59 11.93 1.39 32.85
N ALA F 60 10.67 1.78 33.05
CA ALA F 60 10.36 3.13 33.50
C ALA F 60 10.75 3.29 34.96
N ASP F 61 11.04 4.53 35.35
CA ASP F 61 11.52 4.80 36.70
C ASP F 61 10.47 4.43 37.76
N SER F 62 9.19 4.46 37.39
CA SER F 62 8.12 4.21 38.36
C SER F 62 8.04 2.74 38.75
N VAL F 63 8.60 1.84 37.95
CA VAL F 63 8.53 0.41 38.20
C VAL F 63 9.91 -0.22 38.38
N LYS F 64 10.98 0.58 38.37
CA LYS F 64 12.32 0.04 38.54
C LYS F 64 12.44 -0.61 39.92
N GLY F 65 13.03 -1.81 39.95
CA GLY F 65 13.11 -2.59 41.17
C GLY F 65 11.85 -3.34 41.52
N ARG F 66 10.71 -2.97 40.92
CA ARG F 66 9.43 -3.64 41.14
C ARG F 66 9.06 -4.57 39.98
N PHE F 67 9.34 -4.19 38.75
CA PHE F 67 8.97 -4.98 37.58
C PHE F 67 10.20 -5.60 36.95
N THR F 68 9.99 -6.76 36.32
CA THR F 68 11.04 -7.49 35.61
C THR F 68 10.41 -8.05 34.35
N GLY F 69 10.98 -7.71 33.20
CA GLY F 69 10.50 -8.22 31.93
C GLY F 69 11.61 -8.90 31.17
N SER F 70 11.26 -9.80 30.25
CA SER F 70 12.26 -10.51 29.45
C SER F 70 11.56 -11.12 28.25
N ARG F 71 12.38 -11.58 27.29
CA ARG F 71 11.90 -12.18 26.06
C ARG F 71 12.40 -13.62 25.95
N ASP F 72 11.68 -14.41 25.15
CA ASP F 72 12.12 -15.75 24.79
C ASP F 72 12.65 -15.69 23.36
N ASN F 73 13.85 -16.25 23.16
CA ASN F 73 14.42 -16.29 21.82
C ASN F 73 13.72 -17.31 20.95
N ALA F 74 13.58 -18.55 21.47
CA ALA F 74 12.97 -19.61 20.68
C ALA F 74 11.51 -19.32 20.37
N LYS F 75 10.72 -18.99 21.38
CA LYS F 75 9.32 -18.68 21.17
C LYS F 75 9.14 -17.16 21.07
N ASN F 76 8.22 -16.75 20.20
CA ASN F 76 7.92 -15.33 20.01
C ASN F 76 7.13 -14.76 21.18
N THR F 77 7.61 -14.93 22.41
CA THR F 77 6.88 -14.52 23.60
C THR F 77 7.68 -13.53 24.45
N VAL F 78 7.02 -12.43 24.87
CA VAL F 78 7.56 -11.48 25.84
C VAL F 78 6.91 -11.70 27.19
N TYR F 79 7.73 -11.70 28.25
CA TYR F 79 7.20 -11.84 29.60
C TYR F 79 7.49 -10.59 30.42
N LEU F 80 6.62 -10.33 31.39
CA LEU F 80 6.79 -9.21 32.33
C LEU F 80 6.36 -9.68 33.71
N GLN F 81 7.32 -9.78 34.63
CA GLN F 81 7.04 -10.13 36.02
C GLN F 81 6.79 -8.85 36.80
N MET F 82 5.64 -8.78 37.46
CA MET F 82 5.20 -7.59 38.18
C MET F 82 5.19 -7.89 39.68
N ASN F 83 6.29 -7.54 40.36
CA ASN F 83 6.37 -7.71 41.81
C ASN F 83 5.97 -6.43 42.56
N SER F 84 5.63 -6.61 43.83
CA SER F 84 5.31 -5.50 44.75
C SER F 84 4.25 -4.57 44.15
N LEU F 85 3.09 -5.15 43.86
CA LEU F 85 2.02 -4.41 43.21
C LEU F 85 1.42 -3.35 44.13
N LYS F 86 0.75 -2.37 43.52
CA LYS F 86 0.03 -1.32 44.22
C LYS F 86 -1.35 -1.19 43.61
N LEU F 87 -2.14 -0.25 44.13
CA LEU F 87 -3.45 -0.02 43.57
C LEU F 87 -3.44 0.97 42.41
N GLU F 88 -2.39 1.80 42.29
CA GLU F 88 -2.23 2.68 41.14
C GLU F 88 -1.75 1.94 39.90
N ASP F 89 -1.21 0.72 40.05
CA ASP F 89 -0.83 -0.12 38.92
C ASP F 89 -2.02 -0.76 38.22
N THR F 90 -3.25 -0.52 38.68
CA THR F 90 -4.41 -0.98 37.93
C THR F 90 -4.46 -0.24 36.60
N ALA F 91 -4.46 -1.01 35.50
CA ALA F 91 -4.47 -0.46 34.15
C ALA F 91 -4.68 -1.60 33.16
N VAL F 92 -4.99 -1.25 31.92
CA VAL F 92 -5.04 -2.20 30.82
C VAL F 92 -3.66 -2.25 30.17
N TYR F 93 -3.01 -3.40 30.23
CA TYR F 93 -1.63 -3.52 29.81
C TYR F 93 -1.54 -4.02 28.36
N TYR F 94 -0.63 -3.42 27.60
CA TYR F 94 -0.47 -3.72 26.19
C TYR F 94 0.98 -4.09 25.90
N CYS F 95 1.17 -5.03 24.98
CA CYS F 95 2.48 -5.32 24.39
C CYS F 95 2.53 -4.68 23.00
N ALA F 96 3.68 -4.14 22.63
CA ALA F 96 3.84 -3.53 21.33
C ALA F 96 5.24 -3.85 20.79
N ALA F 97 5.33 -4.04 19.48
CA ALA F 97 6.59 -4.39 18.84
C ALA F 97 7.01 -3.30 17.86
N GLY F 98 8.31 -3.06 17.79
CA GLY F 98 8.84 -2.02 16.95
C GLY F 98 9.98 -2.54 16.10
N LEU F 99 10.10 -1.95 14.90
CA LEU F 99 10.91 -2.55 13.85
C LEU F 99 12.26 -1.86 13.74
N TRP F 100 13.02 -1.87 14.84
CA TRP F 100 14.35 -1.25 14.90
C TRP F 100 15.27 -2.13 15.73
N TYR F 101 16.47 -1.62 16.04
CA TYR F 101 17.45 -2.39 16.82
C TYR F 101 17.52 -2.01 18.30
N GLY F 102 17.15 -0.80 18.67
CA GLY F 102 17.31 -0.28 20.02
C GLY F 102 16.07 -0.37 20.90
N ARG F 103 15.92 0.62 21.77
CA ARG F 103 14.84 0.72 22.74
C ARG F 103 13.98 1.96 22.50
N SER F 104 12.71 1.88 22.92
CA SER F 104 11.86 3.06 22.93
C SER F 104 10.79 2.89 23.99
N LEU F 105 10.80 3.77 24.99
CA LEU F 105 9.76 3.82 26.00
C LEU F 105 8.60 4.75 25.60
N ASN F 106 8.50 5.10 24.32
CA ASN F 106 7.44 5.98 23.83
C ASN F 106 6.41 5.25 22.99
N SER F 107 5.14 5.58 23.24
CA SER F 107 4.01 4.90 22.59
C SER F 107 3.95 5.18 21.10
N PHE F 108 4.49 6.30 20.65
CA PHE F 108 4.27 6.68 19.27
C PHE F 108 5.24 6.03 18.27
N ASP F 109 6.19 5.21 18.72
CA ASP F 109 7.18 4.66 17.79
C ASP F 109 6.96 3.21 17.38
N TYR F 110 5.78 2.61 17.58
CA TYR F 110 5.78 1.16 17.45
C TYR F 110 5.11 0.58 16.20
N ASP F 111 3.93 1.07 15.79
CA ASP F 111 3.25 0.68 14.55
C ASP F 111 2.49 -0.64 14.70
N TYR F 112 2.77 -1.42 15.73
CA TYR F 112 2.10 -2.71 15.94
C TYR F 112 1.78 -2.86 17.42
N TRP F 113 0.50 -2.79 17.75
CA TRP F 113 -0.01 -2.83 19.11
C TRP F 113 -0.80 -4.10 19.37
N GLY F 114 -0.81 -4.52 20.63
CA GLY F 114 -1.58 -5.68 21.04
C GLY F 114 -3.01 -5.30 21.34
N GLN F 115 -3.72 -6.24 21.95
CA GLN F 115 -5.14 -6.07 22.23
C GLN F 115 -5.44 -5.64 23.66
N GLY F 116 -4.62 -6.02 24.63
CA GLY F 116 -4.78 -5.50 25.97
C GLY F 116 -5.49 -6.41 26.94
N THR F 117 -4.75 -6.94 27.91
CA THR F 117 -5.28 -7.74 29.01
C THR F 117 -5.41 -6.87 30.24
N GLN F 118 -6.57 -6.93 30.89
CA GLN F 118 -6.86 -6.07 32.02
C GLN F 118 -6.19 -6.60 33.29
N VAL F 119 -5.61 -5.67 34.05
CA VAL F 119 -5.00 -5.94 35.35
C VAL F 119 -5.71 -5.06 36.36
N THR F 120 -6.32 -5.68 37.36
CA THR F 120 -7.06 -4.98 38.40
C THR F 120 -6.46 -5.30 39.75
N VAL F 121 -6.32 -4.28 40.61
CA VAL F 121 -5.81 -4.44 41.96
C VAL F 121 -6.87 -3.91 42.92
N SER F 122 -7.52 -4.82 43.67
CA SER F 122 -8.59 -4.52 44.61
C SER F 122 -8.27 -5.12 45.97
N SER F 123 -9.22 -4.98 46.90
CA SER F 123 -9.09 -5.57 48.23
CA SER F 123 -9.09 -5.57 48.23
C SER F 123 -10.47 -5.82 48.84
N GLN G 1 6.45 10.90 -7.31
CA GLN G 1 7.12 9.61 -7.15
C GLN G 1 8.37 9.47 -8.03
N VAL G 2 8.71 8.24 -8.41
CA VAL G 2 9.90 8.02 -9.23
C VAL G 2 9.53 8.22 -10.70
N GLN G 3 10.46 8.80 -11.46
CA GLN G 3 10.25 9.03 -12.89
C GLN G 3 11.59 8.97 -13.61
N LEU G 4 11.62 8.28 -14.76
CA LEU G 4 12.80 8.18 -15.60
C LEU G 4 12.49 8.71 -16.99
N VAL G 5 13.40 9.54 -17.54
CA VAL G 5 13.17 10.26 -18.79
C VAL G 5 14.35 10.01 -19.74
N GLU G 6 14.11 9.25 -20.81
CA GLU G 6 15.13 8.94 -21.80
C GLU G 6 15.18 10.02 -22.87
N SER G 7 16.37 10.20 -23.46
CA SER G 7 16.57 11.18 -24.51
C SER G 7 17.82 10.80 -25.30
N GLY G 8 17.86 11.20 -26.57
CA GLY G 8 19.01 10.95 -27.41
C GLY G 8 18.77 10.02 -28.58
N GLY G 9 17.58 9.45 -28.72
CA GLY G 9 17.34 8.51 -29.81
C GLY G 9 17.04 9.21 -31.12
N GLY G 10 17.45 8.57 -32.21
CA GLY G 10 17.21 9.12 -33.53
C GLY G 10 17.72 8.18 -34.60
N LEU G 11 17.49 8.59 -35.84
CA LEU G 11 17.91 7.80 -37.00
C LEU G 11 19.40 8.00 -37.28
N VAL G 12 20.15 6.91 -37.35
CA VAL G 12 21.58 6.92 -37.64
C VAL G 12 21.87 5.83 -38.67
N GLN G 13 23.12 5.80 -39.14
CA GLN G 13 23.55 4.81 -40.10
C GLN G 13 24.59 3.87 -39.51
N PRO G 14 24.75 2.68 -40.08
CA PRO G 14 25.70 1.70 -39.51
C PRO G 14 27.11 2.25 -39.44
N GLY G 15 27.89 1.69 -38.51
CA GLY G 15 29.24 2.15 -38.25
C GLY G 15 29.34 3.41 -37.41
N GLY G 16 28.24 4.12 -37.20
CA GLY G 16 28.28 5.37 -36.47
C GLY G 16 28.31 5.15 -34.98
N SER G 17 27.99 6.21 -34.24
CA SER G 17 27.97 6.19 -32.79
C SER G 17 26.77 6.98 -32.31
N LEU G 18 26.30 6.66 -31.10
CA LEU G 18 25.18 7.36 -30.49
C LEU G 18 25.34 7.36 -28.98
N ARG G 19 24.83 8.41 -28.34
CA ARG G 19 24.79 8.49 -26.88
C ARG G 19 23.37 8.80 -26.43
N LEU G 20 22.89 8.00 -25.48
CA LEU G 20 21.53 8.10 -24.96
C LEU G 20 21.58 8.54 -23.51
N SER G 21 20.65 9.42 -23.14
CA SER G 21 20.57 9.98 -21.79
C SER G 21 19.29 9.51 -21.11
N CYS G 22 19.38 9.38 -19.79
CA CYS G 22 18.24 9.01 -18.97
C CYS G 22 18.38 9.74 -17.65
N ALA G 23 17.30 10.37 -17.18
CA ALA G 23 17.33 11.18 -15.98
C ALA G 23 16.48 10.53 -14.91
N ALA G 24 16.99 10.51 -13.67
CA ALA G 24 16.31 9.85 -12.56
C ALA G 24 15.59 10.89 -11.71
N SER G 25 14.38 11.25 -12.14
CA SER G 25 13.55 12.19 -11.40
CA SER G 25 13.55 12.19 -11.40
C SER G 25 13.00 11.61 -10.11
N GLY G 26 13.33 10.35 -9.79
CA GLY G 26 12.85 9.72 -8.58
C GLY G 26 13.73 9.98 -7.37
N PHE G 27 13.33 9.37 -6.26
CA PHE G 27 13.97 9.62 -4.98
C PHE G 27 15.32 8.91 -4.90
N THR G 28 16.30 9.59 -4.31
CA THR G 28 17.60 9.01 -4.00
C THR G 28 17.55 8.15 -2.75
N SER G 29 16.36 8.00 -2.15
CA SER G 29 16.11 7.22 -0.94
C SER G 29 16.92 5.94 -0.86
N ASP G 30 17.21 5.30 -1.98
CA ASP G 30 17.95 4.05 -1.96
C ASP G 30 19.24 4.19 -2.78
N HIS G 31 20.02 3.10 -2.80
CA HIS G 31 21.27 2.99 -3.56
C HIS G 31 20.90 2.15 -4.76
N TYR G 32 20.26 2.79 -5.73
CA TYR G 32 19.74 2.07 -6.87
C TYR G 32 20.80 1.90 -7.95
N ALA G 33 20.79 0.72 -8.57
CA ALA G 33 21.58 0.47 -9.75
C ALA G 33 20.71 0.77 -10.97
N LEU G 34 21.35 1.19 -12.04
CA LEU G 34 20.65 1.63 -13.24
C LEU G 34 21.16 0.85 -14.44
N ALA G 35 20.26 0.51 -15.35
CA ALA G 35 20.57 -0.40 -16.44
C ALA G 35 19.85 0.05 -17.71
N TRP G 36 20.26 -0.56 -18.82
CA TRP G 36 19.77 -0.21 -20.15
C TRP G 36 19.14 -1.44 -20.80
N PHE G 37 17.95 -1.27 -21.35
CA PHE G 37 17.20 -2.35 -21.99
C PHE G 37 16.75 -1.90 -23.37
N ARG G 38 16.66 -2.86 -24.28
CA ARG G 38 16.16 -2.60 -25.63
C ARG G 38 15.15 -3.68 -25.97
N GLN G 39 14.21 -3.32 -26.85
CA GLN G 39 13.17 -4.26 -27.26
CA GLN G 39 13.17 -4.26 -27.26
C GLN G 39 12.75 -3.92 -28.69
N ALA G 40 12.84 -4.91 -29.58
CA ALA G 40 12.39 -4.83 -30.96
C ALA G 40 11.00 -5.43 -31.09
N PRO G 41 10.24 -5.05 -32.12
CA PRO G 41 8.89 -5.61 -32.30
C PRO G 41 8.90 -7.12 -32.48
N GLY G 42 8.15 -7.80 -31.61
CA GLY G 42 8.08 -9.24 -31.63
C GLY G 42 9.23 -9.97 -30.98
N LYS G 43 9.99 -9.32 -30.09
CA LYS G 43 11.10 -9.95 -29.40
C LYS G 43 11.05 -9.60 -27.91
N GLU G 44 11.79 -10.38 -27.12
CA GLU G 44 11.83 -10.21 -25.68
C GLU G 44 12.82 -9.13 -25.27
N ARG G 45 12.45 -8.36 -24.24
CA ARG G 45 13.26 -7.23 -23.81
C ARG G 45 14.62 -7.66 -23.31
N GLU G 46 15.68 -7.34 -24.05
CA GLU G 46 17.04 -7.73 -23.70
C GLU G 46 17.65 -6.71 -22.75
N GLY G 47 18.44 -7.21 -21.80
CA GLY G 47 19.24 -6.34 -20.95
C GLY G 47 20.49 -5.94 -21.71
N VAL G 48 20.68 -4.65 -21.96
CA VAL G 48 21.80 -4.19 -22.79
C VAL G 48 23.04 -3.94 -21.95
N SER G 49 22.91 -3.07 -20.95
CA SER G 49 24.03 -2.76 -20.07
C SER G 49 23.49 -2.36 -18.70
N CYS G 50 24.29 -2.66 -17.67
CA CYS G 50 23.90 -2.42 -16.29
C CYS G 50 25.10 -1.86 -15.55
N ILE G 51 24.95 -0.66 -15.00
CA ILE G 51 25.98 -0.01 -14.22
C ILE G 51 25.49 -0.04 -12.76
N ASP G 52 26.30 -0.61 -11.87
CA ASP G 52 25.83 -0.78 -10.50
C ASP G 52 25.80 0.56 -9.79
N SER G 53 25.33 0.55 -8.54
CA SER G 53 25.35 1.77 -7.76
C SER G 53 26.77 2.17 -7.39
N ASP G 54 27.67 1.19 -7.25
CA ASP G 54 29.05 1.43 -6.85
C ASP G 54 29.94 1.93 -7.99
N GLY G 55 29.36 2.18 -9.17
CA GLY G 55 30.11 2.68 -10.30
C GLY G 55 30.64 1.66 -11.29
N ASN G 56 30.44 0.33 -11.05
CA ASN G 56 31.01 -0.68 -11.95
C ASN G 56 30.03 -0.97 -13.09
N PRO G 57 30.49 -1.02 -14.36
CA PRO G 57 29.56 -1.31 -15.48
C PRO G 57 29.54 -2.77 -15.90
N PHE G 58 28.44 -3.24 -16.50
CA PHE G 58 28.33 -4.61 -16.99
C PHE G 58 27.54 -4.61 -18.30
N TYR G 59 28.04 -5.30 -19.33
CA TYR G 59 27.39 -5.29 -20.63
C TYR G 59 26.88 -6.67 -21.02
N ALA G 60 25.88 -6.68 -21.90
CA ALA G 60 25.37 -7.92 -22.47
C ALA G 60 26.41 -8.53 -23.42
N ASP G 61 26.28 -9.84 -23.63
CA ASP G 61 27.27 -10.58 -24.42
C ASP G 61 27.35 -10.10 -25.86
N SER G 62 26.25 -9.57 -26.40
CA SER G 62 26.19 -9.20 -27.81
C SER G 62 26.92 -7.90 -28.15
N VAL G 63 27.15 -7.01 -27.19
CA VAL G 63 27.69 -5.68 -27.46
C VAL G 63 29.01 -5.43 -26.74
N LYS G 64 29.58 -6.45 -26.09
CA LYS G 64 30.83 -6.25 -25.36
C LYS G 64 31.94 -5.80 -26.30
N GLY G 65 32.71 -4.80 -25.84
CA GLY G 65 33.72 -4.18 -26.65
C GLY G 65 33.21 -3.14 -27.62
N ARG G 66 31.90 -3.13 -27.89
CA ARG G 66 31.28 -2.17 -28.79
C ARG G 66 30.57 -1.05 -28.06
N PHE G 67 29.94 -1.33 -26.93
CA PHE G 67 29.15 -0.34 -26.20
C PHE G 67 29.88 0.09 -24.93
N THR G 68 29.58 1.32 -24.49
CA THR G 68 30.13 1.88 -23.28
C THR G 68 29.04 2.67 -22.57
N GLY G 69 28.75 2.32 -21.32
CA GLY G 69 27.76 3.05 -20.57
C GLY G 69 28.34 3.58 -19.28
N SER G 70 27.74 4.64 -18.75
CA SER G 70 28.23 5.27 -17.51
C SER G 70 27.13 6.17 -16.94
N ARG G 71 27.36 6.60 -15.71
CA ARG G 71 26.45 7.45 -14.95
C ARG G 71 27.11 8.77 -14.60
N ASP G 72 26.29 9.73 -14.22
CA ASP G 72 26.77 10.99 -13.66
C ASP G 72 26.74 10.83 -12.15
N ASN G 73 27.88 11.12 -11.52
CA ASN G 73 28.01 10.96 -10.08
C ASN G 73 27.27 12.06 -9.33
N ALA G 74 27.48 13.32 -9.71
CA ALA G 74 26.84 14.44 -9.03
C ALA G 74 25.32 14.41 -9.23
N LYS G 75 24.88 14.26 -10.47
CA LYS G 75 23.44 14.24 -10.75
C LYS G 75 22.95 12.79 -10.77
N ASN G 76 21.73 12.61 -11.29
CA ASN G 76 21.11 11.29 -11.39
C ASN G 76 20.87 10.95 -12.87
N THR G 77 21.91 11.12 -13.68
CA THR G 77 21.83 10.90 -15.13
C THR G 77 22.79 9.75 -15.49
N VAL G 78 22.26 8.76 -16.22
CA VAL G 78 23.05 7.66 -16.77
C VAL G 78 23.19 7.87 -18.27
N TYR G 79 24.39 7.64 -18.80
CA TYR G 79 24.66 7.77 -20.22
C TYR G 79 24.98 6.41 -20.82
N LEU G 80 24.75 6.27 -22.12
CA LEU G 80 25.07 5.04 -22.84
C LEU G 80 25.69 5.41 -24.19
N GLN G 81 26.98 5.15 -24.35
CA GLN G 81 27.67 5.35 -25.62
C GLN G 81 27.64 4.05 -26.42
N MET G 82 27.11 4.13 -27.62
CA MET G 82 26.97 2.96 -28.49
C MET G 82 27.89 3.17 -29.70
N ASN G 83 29.09 2.59 -29.62
CA ASN G 83 30.05 2.69 -30.70
C ASN G 83 29.84 1.53 -31.68
N SER G 84 30.32 1.73 -32.91
CA SER G 84 30.33 0.69 -33.95
C SER G 84 28.92 0.09 -34.12
N LEU G 85 27.98 0.95 -34.47
CA LEU G 85 26.59 0.54 -34.57
C LEU G 85 26.38 -0.43 -35.74
N LYS G 86 25.29 -1.19 -35.63
CA LYS G 86 24.86 -2.13 -36.66
C LYS G 86 23.37 -1.94 -36.91
N LEU G 87 22.81 -2.77 -37.80
CA LEU G 87 21.39 -2.68 -38.08
C LEU G 87 20.55 -3.53 -37.13
N GLU G 88 21.17 -4.55 -36.52
CA GLU G 88 20.52 -5.38 -35.51
C GLU G 88 20.40 -4.69 -34.16
N ASP G 89 21.16 -3.61 -33.95
CA ASP G 89 21.00 -2.83 -32.72
C ASP G 89 19.74 -1.97 -32.76
N THR G 90 18.99 -2.00 -33.86
CA THR G 90 17.71 -1.30 -33.93
C THR G 90 16.72 -1.86 -32.93
N ALA G 91 16.24 -1.01 -32.02
CA ALA G 91 15.29 -1.39 -31.00
C ALA G 91 14.81 -0.12 -30.30
N VAL G 92 13.76 -0.27 -29.50
CA VAL G 92 13.29 0.78 -28.61
C VAL G 92 13.99 0.62 -27.26
N TYR G 93 14.77 1.61 -26.87
CA TYR G 93 15.63 1.50 -25.71
C TYR G 93 14.95 2.10 -24.49
N TYR G 94 15.09 1.43 -23.35
CA TYR G 94 14.45 1.82 -22.11
C TYR G 94 15.48 1.99 -21.01
N CYS G 95 15.17 2.88 -20.08
CA CYS G 95 15.92 3.04 -18.84
C CYS G 95 15.20 2.33 -17.71
N ALA G 96 15.95 1.66 -16.84
CA ALA G 96 15.35 0.96 -15.71
C ALA G 96 16.23 1.07 -14.48
N ALA G 97 15.58 1.16 -13.32
CA ALA G 97 16.25 1.26 -12.03
C ALA G 97 15.86 0.08 -11.14
N GLY G 98 16.80 -0.31 -10.28
CA GLY G 98 16.55 -1.41 -9.36
C GLY G 98 17.20 -1.13 -8.02
N LEU G 99 16.53 -1.55 -6.96
CA LEU G 99 16.85 -1.07 -5.61
C LEU G 99 17.70 -2.08 -4.82
N TRP G 100 18.89 -2.35 -5.34
CA TRP G 100 19.86 -3.24 -4.71
C TRP G 100 21.26 -2.67 -4.90
N TYR G 101 22.22 -3.30 -4.24
CA TYR G 101 23.62 -2.89 -4.39
C TYR G 101 24.31 -3.52 -5.59
N GLY G 102 23.97 -4.77 -5.93
CA GLY G 102 24.64 -5.49 -6.99
C GLY G 102 24.23 -5.07 -8.40
N ARG G 103 24.23 -6.05 -9.30
CA ARG G 103 23.90 -5.84 -10.70
C ARG G 103 23.04 -6.97 -11.25
N SER G 104 22.23 -6.66 -12.26
CA SER G 104 21.44 -7.65 -12.98
C SER G 104 21.17 -7.17 -14.39
N LEU G 105 21.19 -8.10 -15.36
CA LEU G 105 20.83 -7.80 -16.73
C LEU G 105 19.54 -8.52 -17.12
N ASN G 106 18.66 -8.74 -16.15
CA ASN G 106 17.37 -9.41 -16.37
C ASN G 106 16.21 -8.43 -16.25
N SER G 107 15.23 -8.62 -17.13
CA SER G 107 14.08 -7.71 -17.21
C SER G 107 13.21 -7.78 -15.96
N PHE G 108 13.20 -8.91 -15.26
CA PHE G 108 12.24 -9.09 -14.18
C PHE G 108 12.72 -8.51 -12.85
N ASP G 109 13.94 -7.98 -12.77
CA ASP G 109 14.43 -7.42 -11.52
C ASP G 109 14.28 -5.91 -11.46
N TYR G 110 13.63 -5.31 -12.43
CA TYR G 110 13.63 -3.88 -12.58
C TYR G 110 12.22 -3.34 -12.28
N ASP G 111 11.99 -3.13 -10.99
CA ASP G 111 10.74 -2.59 -10.47
C ASP G 111 10.33 -1.24 -11.07
N TYR G 112 11.25 -0.46 -11.65
CA TYR G 112 10.91 0.89 -12.15
C TYR G 112 11.45 1.08 -13.57
N TRP G 113 10.53 1.34 -14.50
CA TRP G 113 10.84 1.45 -15.93
C TRP G 113 10.70 2.88 -16.42
N GLY G 114 11.53 3.22 -17.41
CA GLY G 114 11.49 4.52 -18.04
C GLY G 114 10.48 4.58 -19.18
N GLN G 115 10.71 5.54 -20.08
CA GLN G 115 9.94 5.65 -21.31
C GLN G 115 10.68 5.03 -22.48
N GLY G 116 10.12 5.20 -23.67
CA GLY G 116 10.70 4.60 -24.85
C GLY G 116 11.22 5.58 -25.87
N THR G 117 12.53 5.66 -26.05
CA THR G 117 13.11 6.43 -27.15
C THR G 117 13.55 5.47 -28.26
N GLN G 118 13.09 5.73 -29.47
CA GLN G 118 13.35 4.84 -30.60
C GLN G 118 14.71 5.14 -31.23
N VAL G 119 15.45 4.08 -31.55
CA VAL G 119 16.72 4.18 -32.26
C VAL G 119 16.63 3.28 -33.49
N THR G 120 16.78 3.87 -34.68
CA THR G 120 16.70 3.17 -35.96
C THR G 120 18.01 3.34 -36.72
N VAL G 121 18.52 2.25 -37.29
CA VAL G 121 19.79 2.30 -38.01
C VAL G 121 19.58 1.83 -39.46
N SER G 122 18.41 2.14 -40.03
CA SER G 122 18.06 1.61 -41.35
C SER G 122 18.70 2.40 -42.49
N SER G 123 18.26 3.64 -42.69
CA SER G 123 18.75 4.45 -43.82
C SER G 123 18.23 5.89 -43.74
N GLN H 1 -5.04 -13.26 1.81
CA GLN H 1 -5.71 -12.50 0.77
C GLN H 1 -6.53 -13.41 -0.16
N VAL H 2 -6.68 -12.99 -1.43
CA VAL H 2 -7.47 -13.74 -2.40
C VAL H 2 -6.65 -14.89 -2.97
N GLN H 3 -7.32 -16.01 -3.23
CA GLN H 3 -6.66 -17.20 -3.76
C GLN H 3 -7.63 -17.93 -4.69
N LEU H 4 -7.12 -18.40 -5.82
CA LEU H 4 -7.92 -19.15 -6.78
C LEU H 4 -7.33 -20.53 -6.96
N VAL H 5 -8.19 -21.55 -6.91
CA VAL H 5 -7.78 -22.96 -6.88
C VAL H 5 -8.51 -23.68 -8.00
N GLU H 6 -7.77 -24.10 -9.03
CA GLU H 6 -8.32 -24.87 -10.15
C GLU H 6 -8.29 -26.37 -9.86
N SER H 7 -9.24 -27.07 -10.47
CA SER H 7 -9.33 -28.52 -10.31
C SER H 7 -10.13 -29.09 -11.47
N GLY H 8 -9.84 -30.34 -11.83
CA GLY H 8 -10.56 -31.04 -12.86
C GLY H 8 -9.79 -31.37 -14.13
N GLY H 9 -8.53 -30.95 -14.24
CA GLY H 9 -7.78 -31.20 -15.46
C GLY H 9 -7.18 -32.59 -15.50
N GLY H 10 -7.07 -33.13 -16.72
CA GLY H 10 -6.49 -34.46 -16.90
C GLY H 10 -6.37 -34.82 -18.36
N LEU H 11 -5.76 -35.98 -18.60
CA LEU H 11 -5.51 -36.47 -19.96
C LEU H 11 -6.75 -37.12 -20.57
N VAL H 12 -7.14 -36.66 -21.75
CA VAL H 12 -8.30 -37.19 -22.48
C VAL H 12 -7.91 -37.40 -23.94
N GLN H 13 -8.81 -38.04 -24.68
CA GLN H 13 -8.71 -38.28 -26.12
C GLN H 13 -9.77 -37.44 -26.83
N PRO H 14 -9.59 -37.16 -28.12
CA PRO H 14 -10.54 -36.29 -28.82
C PRO H 14 -11.97 -36.83 -28.74
N GLY H 15 -12.93 -35.91 -28.87
CA GLY H 15 -14.33 -36.24 -28.77
C GLY H 15 -14.86 -36.41 -27.36
N GLY H 16 -14.00 -36.48 -26.35
CA GLY H 16 -14.44 -36.72 -24.99
C GLY H 16 -14.96 -35.47 -24.32
N SER H 17 -15.07 -35.55 -22.99
CA SER H 17 -15.59 -34.44 -22.20
C SER H 17 -14.76 -34.27 -20.93
N LEU H 18 -14.77 -33.04 -20.41
CA LEU H 18 -14.06 -32.70 -19.19
C LEU H 18 -14.82 -31.58 -18.47
N ARG H 19 -14.69 -31.56 -17.15
CA ARG H 19 -15.23 -30.48 -16.32
C ARG H 19 -14.15 -29.93 -15.42
N LEU H 20 -14.02 -28.61 -15.39
CA LEU H 20 -13.01 -27.94 -14.58
C LEU H 20 -13.70 -27.12 -13.49
N SER H 21 -13.17 -27.19 -12.28
CA SER H 21 -13.70 -26.46 -11.13
C SER H 21 -12.64 -25.48 -10.66
N CYS H 22 -13.11 -24.36 -10.11
CA CYS H 22 -12.24 -23.34 -9.58
C CYS H 22 -12.92 -22.68 -8.39
N ALA H 23 -12.19 -22.50 -7.29
CA ALA H 23 -12.72 -21.95 -6.06
C ALA H 23 -12.01 -20.63 -5.69
N ALA H 24 -12.79 -19.63 -5.29
CA ALA H 24 -12.25 -18.33 -4.92
C ALA H 24 -12.21 -18.17 -3.41
N SER H 25 -11.22 -17.41 -2.91
CA SER H 25 -10.95 -17.35 -1.47
CA SER H 25 -10.95 -17.35 -1.47
C SER H 25 -11.19 -15.96 -0.88
N GLY H 26 -10.51 -14.92 -1.38
CA GLY H 26 -10.64 -13.62 -0.74
C GLY H 26 -11.80 -12.77 -1.21
N PHE H 27 -12.80 -12.63 -0.35
CA PHE H 27 -14.06 -11.97 -0.70
C PHE H 27 -14.08 -10.56 -0.10
N THR H 28 -13.18 -9.71 -0.58
CA THR H 28 -13.23 -8.33 -0.12
C THR H 28 -14.32 -7.52 -0.83
N SER H 29 -15.01 -8.13 -1.80
CA SER H 29 -16.12 -7.52 -2.52
C SER H 29 -17.17 -8.59 -2.77
N ASP H 30 -18.28 -8.21 -3.41
CA ASP H 30 -19.38 -9.14 -3.65
C ASP H 30 -19.73 -9.35 -5.11
N HIS H 31 -19.53 -8.35 -5.99
CA HIS H 31 -19.89 -8.51 -7.39
C HIS H 31 -18.62 -8.71 -8.23
N TYR H 32 -18.03 -9.89 -8.09
CA TYR H 32 -16.84 -10.25 -8.82
C TYR H 32 -17.21 -11.04 -10.07
N ALA H 33 -16.55 -10.73 -11.18
CA ALA H 33 -16.71 -11.51 -12.40
C ALA H 33 -15.63 -12.59 -12.48
N LEU H 34 -15.98 -13.72 -13.07
CA LEU H 34 -15.10 -14.89 -13.10
C LEU H 34 -14.98 -15.44 -14.52
N ALA H 35 -13.76 -15.87 -14.88
CA ALA H 35 -13.46 -16.24 -16.26
C ALA H 35 -12.48 -17.41 -16.28
N TRP H 36 -12.34 -18.00 -17.47
CA TRP H 36 -11.46 -19.14 -17.71
C TRP H 36 -10.46 -18.78 -18.80
N PHE H 37 -9.17 -19.07 -18.54
CA PHE H 37 -8.11 -18.74 -19.48
C PHE H 37 -7.23 -19.96 -19.74
N ARG H 38 -6.71 -20.06 -20.95
CA ARG H 38 -5.81 -21.13 -21.34
C ARG H 38 -4.61 -20.55 -22.07
N GLN H 39 -3.49 -21.24 -22.00
CA GLN H 39 -2.27 -20.79 -22.68
CA GLN H 39 -2.27 -20.79 -22.68
C GLN H 39 -1.43 -22.01 -23.04
N ALA H 40 -1.21 -22.21 -24.34
CA ALA H 40 -0.35 -23.29 -24.80
C ALA H 40 1.11 -22.88 -24.64
N PRO H 41 2.02 -23.85 -24.55
CA PRO H 41 3.45 -23.52 -24.38
C PRO H 41 3.99 -22.70 -25.54
N GLY H 42 4.51 -21.51 -25.22
CA GLY H 42 5.02 -20.62 -26.25
C GLY H 42 3.96 -19.87 -27.01
N LYS H 43 2.76 -19.71 -26.44
CA LYS H 43 1.65 -19.04 -27.10
C LYS H 43 1.05 -18.01 -26.15
N GLU H 44 0.27 -17.09 -26.71
CA GLU H 44 -0.32 -16.01 -25.92
C GLU H 44 -1.57 -16.49 -25.18
N ARG H 45 -1.74 -16.04 -23.93
CA ARG H 45 -2.83 -16.51 -23.09
C ARG H 45 -4.18 -16.12 -23.66
N GLU H 46 -4.94 -17.11 -24.13
CA GLU H 46 -6.22 -16.90 -24.79
C GLU H 46 -7.35 -16.83 -23.77
N GLY H 47 -8.33 -15.99 -24.05
CA GLY H 47 -9.55 -15.97 -23.25
C GLY H 47 -10.53 -17.04 -23.68
N VAL H 48 -10.85 -18.00 -22.79
CA VAL H 48 -11.71 -19.13 -23.12
C VAL H 48 -13.18 -18.81 -22.87
N SER H 49 -13.51 -18.46 -21.62
CA SER H 49 -14.89 -18.12 -21.25
C SER H 49 -14.89 -17.16 -20.07
N CYS H 50 -15.95 -16.36 -20.00
CA CYS H 50 -16.09 -15.35 -18.96
C CYS H 50 -17.54 -15.38 -18.45
N ILE H 51 -17.70 -15.61 -17.16
CA ILE H 51 -19.01 -15.70 -16.53
C ILE H 51 -19.29 -14.40 -15.79
N ASP H 52 -20.49 -13.83 -15.99
CA ASP H 52 -20.83 -12.51 -15.47
C ASP H 52 -20.81 -12.46 -13.96
N SER H 53 -21.01 -11.26 -13.42
CA SER H 53 -21.16 -11.09 -11.98
C SER H 53 -22.53 -11.65 -11.60
N ASP H 54 -22.57 -12.98 -11.47
CA ASP H 54 -23.76 -13.77 -11.16
C ASP H 54 -24.75 -13.81 -12.32
N GLY H 55 -24.40 -13.27 -13.47
CA GLY H 55 -25.27 -13.25 -14.64
C GLY H 55 -24.94 -14.32 -15.66
N ASN H 56 -25.03 -13.94 -16.95
CA ASN H 56 -24.89 -14.80 -18.12
C ASN H 56 -23.43 -15.01 -18.51
N PRO H 57 -23.06 -16.19 -18.99
CA PRO H 57 -21.67 -16.44 -19.39
C PRO H 57 -21.43 -16.13 -20.85
N PHE H 58 -20.16 -15.86 -21.16
CA PHE H 58 -19.71 -15.50 -22.51
C PHE H 58 -18.48 -16.31 -22.87
N TYR H 59 -18.47 -16.86 -24.09
CA TYR H 59 -17.40 -17.69 -24.59
C TYR H 59 -16.75 -17.00 -25.78
N ALA H 60 -15.48 -17.34 -26.04
CA ALA H 60 -14.82 -16.88 -27.25
C ALA H 60 -15.39 -17.62 -28.46
N ASP H 61 -15.27 -16.98 -29.64
CA ASP H 61 -15.86 -17.53 -30.85
C ASP H 61 -15.25 -18.88 -31.23
N SER H 62 -14.00 -19.16 -30.83
CA SER H 62 -13.34 -20.39 -31.25
C SER H 62 -13.91 -21.62 -30.58
N VAL H 63 -14.59 -21.46 -29.44
CA VAL H 63 -15.11 -22.59 -28.68
C VAL H 63 -16.63 -22.52 -28.51
N LYS H 64 -17.28 -21.55 -29.16
CA LYS H 64 -18.73 -21.40 -29.03
C LYS H 64 -19.47 -22.65 -29.51
N GLY H 65 -20.52 -23.03 -28.78
CA GLY H 65 -21.26 -24.23 -29.07
C GLY H 65 -20.65 -25.51 -28.56
N ARG H 66 -19.36 -25.50 -28.19
CA ARG H 66 -18.66 -26.66 -27.67
C ARG H 66 -18.50 -26.65 -26.15
N PHE H 67 -18.24 -25.50 -25.54
CA PHE H 67 -17.98 -25.42 -24.12
C PHE H 67 -19.16 -24.75 -23.40
N THR H 68 -19.37 -25.12 -22.13
CA THR H 68 -20.38 -24.49 -21.29
C THR H 68 -19.83 -24.38 -19.89
N GLY H 69 -19.71 -23.15 -19.39
CA GLY H 69 -19.27 -22.92 -18.04
C GLY H 69 -20.24 -22.00 -17.30
N SER H 70 -20.24 -22.14 -15.98
CA SER H 70 -21.07 -21.29 -15.12
C SER H 70 -20.60 -21.50 -13.68
N ARG H 71 -21.03 -20.60 -12.79
CA ARG H 71 -20.66 -20.68 -11.38
C ARG H 71 -21.87 -20.73 -10.48
N ASP H 72 -21.64 -21.18 -9.25
CA ASP H 72 -22.60 -21.06 -8.15
C ASP H 72 -22.15 -19.91 -7.26
N ASN H 73 -23.05 -18.98 -6.98
CA ASN H 73 -22.70 -17.83 -6.14
C ASN H 73 -22.61 -18.24 -4.68
N ALA H 74 -23.54 -19.09 -4.21
CA ALA H 74 -23.52 -19.54 -2.83
C ALA H 74 -22.23 -20.28 -2.49
N LYS H 75 -21.77 -21.14 -3.40
CA LYS H 75 -20.54 -21.90 -3.15
C LYS H 75 -19.29 -21.18 -3.64
N ASN H 76 -19.45 -20.08 -4.38
CA ASN H 76 -18.34 -19.30 -4.93
C ASN H 76 -17.32 -20.17 -5.65
N THR H 77 -17.83 -21.11 -6.46
CA THR H 77 -17.05 -22.04 -7.25
C THR H 77 -17.49 -21.89 -8.69
N VAL H 78 -16.53 -21.75 -9.62
CA VAL H 78 -16.87 -21.71 -11.04
C VAL H 78 -16.56 -23.08 -11.65
N TYR H 79 -17.47 -23.55 -12.47
CA TYR H 79 -17.30 -24.80 -13.19
C TYR H 79 -17.29 -24.50 -14.69
N LEU H 80 -16.60 -25.34 -15.44
CA LEU H 80 -16.55 -25.22 -16.90
C LEU H 80 -16.63 -26.63 -17.49
N GLN H 81 -17.73 -26.94 -18.15
CA GLN H 81 -17.88 -28.22 -18.82
C GLN H 81 -17.40 -28.06 -20.27
N MET H 82 -16.45 -28.90 -20.67
CA MET H 82 -15.81 -28.83 -21.97
C MET H 82 -16.21 -30.04 -22.80
N ASN H 83 -17.23 -29.88 -23.64
CA ASN H 83 -17.68 -30.95 -24.51
C ASN H 83 -16.95 -30.89 -25.84
N SER H 84 -16.94 -32.04 -26.54
CA SER H 84 -16.44 -32.15 -27.89
C SER H 84 -15.01 -31.61 -28.01
N LEU H 85 -14.11 -32.25 -27.27
CA LEU H 85 -12.73 -31.80 -27.22
C LEU H 85 -12.03 -31.99 -28.56
N LYS H 86 -10.95 -31.24 -28.76
CA LYS H 86 -10.11 -31.30 -29.95
C LYS H 86 -8.66 -31.37 -29.51
N LEU H 87 -7.75 -31.34 -30.48
CA LEU H 87 -6.33 -31.31 -30.15
C LEU H 87 -5.80 -29.90 -29.97
N GLU H 88 -6.44 -28.90 -30.59
CA GLU H 88 -6.04 -27.51 -30.39
C GLU H 88 -6.48 -26.96 -29.05
N ASP H 89 -7.43 -27.63 -28.38
CA ASP H 89 -7.84 -27.23 -27.04
C ASP H 89 -6.83 -27.63 -25.96
N THR H 90 -5.77 -28.34 -26.32
CA THR H 90 -4.69 -28.64 -25.37
C THR H 90 -3.99 -27.34 -24.98
N ALA H 91 -3.97 -27.06 -23.68
CA ALA H 91 -3.37 -25.86 -23.13
C ALA H 91 -3.34 -25.99 -21.62
N VAL H 92 -2.62 -25.09 -20.97
CA VAL H 92 -2.64 -24.98 -19.51
C VAL H 92 -3.75 -23.99 -19.15
N TYR H 93 -4.75 -24.46 -18.43
CA TYR H 93 -5.95 -23.65 -18.17
C TYR H 93 -5.85 -22.96 -16.82
N TYR H 94 -6.24 -21.68 -16.79
CA TYR H 94 -6.14 -20.82 -15.62
C TYR H 94 -7.51 -20.25 -15.26
N CYS H 95 -7.70 -20.06 -13.96
CA CYS H 95 -8.86 -19.36 -13.45
C CYS H 95 -8.48 -17.93 -13.12
N ALA H 96 -9.38 -17.00 -13.46
CA ALA H 96 -9.14 -15.59 -13.19
C ALA H 96 -10.45 -14.92 -12.81
N ALA H 97 -10.36 -13.96 -11.90
CA ALA H 97 -11.53 -13.20 -11.47
C ALA H 97 -11.31 -11.73 -11.79
N GLY H 98 -12.22 -10.89 -11.33
CA GLY H 98 -12.13 -9.48 -11.65
C GLY H 98 -13.31 -8.72 -11.09
N LEU H 99 -13.04 -7.49 -10.67
CA LEU H 99 -13.96 -6.78 -9.80
C LEU H 99 -14.78 -5.77 -10.60
N TRP H 100 -15.57 -6.30 -11.54
CA TRP H 100 -16.39 -5.46 -12.41
C TRP H 100 -17.76 -6.08 -12.59
N TYR H 101 -18.79 -5.29 -12.28
CA TYR H 101 -20.20 -5.66 -12.44
C TYR H 101 -20.56 -6.22 -13.82
N GLY H 102 -21.65 -6.98 -13.86
CA GLY H 102 -22.17 -7.61 -15.06
C GLY H 102 -21.11 -8.24 -15.95
N ARG H 103 -21.31 -8.14 -17.27
CA ARG H 103 -20.37 -8.64 -18.26
C ARG H 103 -18.97 -8.12 -17.95
N SER H 104 -17.94 -8.82 -18.41
CA SER H 104 -16.58 -8.37 -18.20
C SER H 104 -15.70 -8.80 -19.37
N LEU H 105 -14.42 -8.46 -19.27
CA LEU H 105 -13.40 -8.72 -20.27
C LEU H 105 -13.30 -10.15 -20.77
N ASN H 106 -12.80 -10.30 -21.99
CA ASN H 106 -12.32 -11.59 -22.46
C ASN H 106 -10.80 -11.56 -22.55
N SER H 107 -10.21 -10.36 -22.62
CA SER H 107 -8.77 -10.15 -22.65
C SER H 107 -8.18 -10.47 -21.28
N PHE H 108 -6.86 -10.53 -21.22
CA PHE H 108 -6.15 -11.01 -20.03
C PHE H 108 -6.02 -9.95 -18.96
N ASP H 109 -6.68 -8.81 -19.10
CA ASP H 109 -6.44 -7.69 -18.19
C ASP H 109 -7.41 -7.75 -17.01
N TYR H 110 -7.14 -8.74 -16.15
CA TYR H 110 -7.91 -9.12 -14.97
C TYR H 110 -7.13 -8.71 -13.72
N ASP H 111 -7.63 -9.08 -12.55
CA ASP H 111 -6.91 -8.71 -11.33
C ASP H 111 -6.35 -9.89 -10.57
N TYR H 112 -6.94 -11.07 -10.67
CA TYR H 112 -6.55 -12.20 -9.82
C TYR H 112 -6.44 -13.46 -10.66
N TRP H 113 -5.26 -14.07 -10.67
CA TRP H 113 -4.99 -15.24 -11.49
C TRP H 113 -4.93 -16.49 -10.63
N GLY H 114 -5.37 -17.60 -11.20
CA GLY H 114 -5.33 -18.88 -10.51
C GLY H 114 -4.01 -19.58 -10.68
N GLN H 115 -4.06 -20.90 -10.90
CA GLN H 115 -2.86 -21.71 -11.01
C GLN H 115 -3.03 -22.68 -12.17
N GLY H 116 -1.96 -22.85 -12.94
CA GLY H 116 -2.05 -23.62 -14.16
C GLY H 116 -2.38 -25.08 -13.94
N THR H 117 -3.59 -25.49 -14.30
CA THR H 117 -3.96 -26.89 -14.31
C THR H 117 -3.86 -27.38 -15.75
N GLN H 118 -3.12 -28.47 -15.95
CA GLN H 118 -2.82 -28.92 -17.30
C GLN H 118 -3.94 -29.80 -17.85
N VAL H 119 -4.30 -29.58 -19.12
CA VAL H 119 -5.26 -30.39 -19.86
C VAL H 119 -4.58 -30.86 -21.14
N THR H 120 -4.49 -32.18 -21.32
CA THR H 120 -3.78 -32.76 -22.45
C THR H 120 -4.70 -33.64 -23.29
N VAL H 121 -4.61 -33.49 -24.61
CA VAL H 121 -5.38 -34.30 -25.55
C VAL H 121 -4.41 -34.96 -26.53
#